data_8PLJ
#
_entry.id   8PLJ
#
_cell.length_a   62.069
_cell.length_b   103.480
_cell.length_c   134.549
_cell.angle_alpha   90.000
_cell.angle_beta   91.910
_cell.angle_gamma   90.000
#
_symmetry.space_group_name_H-M   'P 1 21 1'
#
loop_
_entity.id
_entity.type
_entity.pdbx_description
1 polymer 'Thioredoxin glutathione reductase'
2 non-polymer 'FLAVIN-ADENINE DINUCLEOTIDE'
3 non-polymer 1-(2-cyanoethanoyl)piperidine-4-carboxamide
4 water water
#
_entity_poly.entity_id   1
_entity_poly.type   'polypeptide(L)'
_entity_poly.pdbx_seq_one_letter_code
;GPPPADGTSQWLRKTVDSAAVILFSKTTCPYCKKVKDVLAEAKIKHATIELDQLSNGSAIQKCLASFSKIETVPQMFVRG
KFIGDSQTVLKYYSNDELAGIVNESKYDYDLIVIGGGSGGLAAGKEAAKYGAKTAVLDYVEPTPIGTTWGLGGTCVNVGC
IPKKLMHQAGLLSHALEDAEHFGWSLDRSKISHNWSTMVEGVQSHIGSLNWGYKVALRDNQVTYLNAKGRLISPHEVQIT
DKNQKVSTITGNKIILATGERPKYPEIPGAVEYGITSDDLFSLPYFPGKTLVIGASYVALECAGFLASLGGDVTVMVRSI
LLRGFDQQMAEKVGDYMENHGVKFAKLCVPDEIKQLKVVDTENNKPGLLLVKGHYTDGKKFEEEFETVIFAVGREPQLSK
VLCETVGVKLDKNGRVVCTDDEQTTVSNVYAIGDINAGKPQLTPVAIQAGRYLARRLFAGATELTDYSNVATTVFTPLEY
GACGLSEEDAIEKYGDKDIEVYHSNFKPLEWTVAHREDNVCYMKLVCRKSDNMRVLGLHVLGPNAGEITQGYAVAIKMGA
TKADFDRTIGIHPTCSETFTTLHVTKKSGVSPIVSGC
;
_entity_poly.pdbx_strand_id   A,B
#
# COMPACT_ATOMS: atom_id res chain seq x y z
N GLY A 7 -5.75 21.43 18.38
CA GLY A 7 -7.16 21.70 18.21
C GLY A 7 -7.55 21.88 16.75
N THR A 8 -6.87 22.83 16.09
CA THR A 8 -7.03 22.99 14.65
C THR A 8 -6.55 21.73 13.91
N SER A 9 -5.46 21.14 14.37
CA SER A 9 -4.91 19.98 13.67
C SER A 9 -5.89 18.82 13.66
N GLN A 10 -6.62 18.60 14.76
CA GLN A 10 -7.59 17.50 14.81
C GLN A 10 -8.73 17.76 13.84
N TRP A 11 -9.16 19.01 13.71
CA TRP A 11 -10.20 19.33 12.74
C TRP A 11 -9.73 19.05 11.32
N LEU A 12 -8.55 19.55 10.96
CA LEU A 12 -8.09 19.39 9.58
C LEU A 12 -7.98 17.93 9.20
N ARG A 13 -7.50 17.10 10.13
CA ARG A 13 -7.32 15.68 9.82
C ARG A 13 -8.67 14.98 9.64
N LYS A 14 -9.67 15.35 10.44
CA LYS A 14 -10.98 14.76 10.28
C LYS A 14 -11.62 15.21 8.96
N THR A 15 -11.44 16.48 8.60
CA THR A 15 -11.98 17.00 7.35
C THR A 15 -11.33 16.31 6.13
N VAL A 16 -10.01 16.18 6.13
CA VAL A 16 -9.33 15.56 4.98
C VAL A 16 -9.70 14.08 4.84
N ASP A 17 -9.91 13.39 5.96
CA ASP A 17 -10.13 11.93 5.93
C ASP A 17 -11.50 11.56 5.35
N SER A 18 -12.53 12.34 5.63
CA SER A 18 -13.88 11.96 5.21
C SER A 18 -14.35 12.67 3.94
N ALA A 19 -13.93 13.91 3.69
CA ALA A 19 -14.34 14.61 2.48
C ALA A 19 -14.03 13.77 1.25
N ALA A 20 -14.93 13.80 0.27
CA ALA A 20 -14.76 13.04 -0.96
C ALA A 20 -13.79 13.73 -1.93
N VAL A 21 -14.06 14.99 -2.25
CA VAL A 21 -13.16 15.83 -3.03
C VAL A 21 -13.24 17.23 -2.44
N ILE A 22 -12.11 17.78 -2.03
CA ILE A 22 -12.09 19.06 -1.33
C ILE A 22 -10.91 19.90 -1.78
N LEU A 23 -11.17 21.19 -2.00
CA LEU A 23 -10.15 22.14 -2.46
C LEU A 23 -9.93 23.18 -1.38
N PHE A 24 -8.69 23.33 -0.94
CA PHE A 24 -8.30 24.38 -0.02
C PHE A 24 -7.81 25.57 -0.84
N SER A 25 -8.36 26.76 -0.58
CA SER A 25 -8.27 27.87 -1.52
C SER A 25 -8.21 29.19 -0.77
N LYS A 26 -7.97 30.26 -1.53
CA LYS A 26 -8.16 31.64 -1.09
C LYS A 26 -8.91 32.41 -2.18
N THR A 27 -9.74 33.36 -1.74
CA THR A 27 -10.62 34.08 -2.64
C THR A 27 -9.85 34.97 -3.62
N THR A 28 -8.65 35.42 -3.23
CA THR A 28 -7.86 36.30 -4.07
C THR A 28 -7.08 35.52 -5.13
N CYS A 29 -6.56 34.36 -4.79
CA CYS A 29 -5.55 33.65 -5.58
C CYS A 29 -6.03 33.28 -6.98
N PRO A 30 -5.34 33.73 -8.05
CA PRO A 30 -5.72 33.29 -9.41
C PRO A 30 -5.38 31.82 -9.67
N TYR A 31 -4.33 31.29 -9.04
CA TYR A 31 -4.04 29.86 -9.20
C TYR A 31 -5.19 29.02 -8.65
N CYS A 32 -5.81 29.45 -7.56
CA CYS A 32 -6.99 28.76 -7.06
C CYS A 32 -8.14 28.86 -8.06
N LYS A 33 -8.33 30.04 -8.64
CA LYS A 33 -9.38 30.23 -9.63
C LYS A 33 -9.15 29.34 -10.85
N LYS A 34 -7.89 29.23 -11.30
CA LYS A 34 -7.56 28.36 -12.42
C LYS A 34 -7.91 26.91 -12.11
N VAL A 35 -7.73 26.47 -10.86
CA VAL A 35 -8.08 25.10 -10.53
C VAL A 35 -9.59 24.96 -10.45
N LYS A 36 -10.26 25.95 -9.85
CA LYS A 36 -11.73 25.92 -9.80
C LYS A 36 -12.31 25.76 -11.21
N ASP A 37 -11.75 26.48 -12.18
CA ASP A 37 -12.29 26.48 -13.53
C ASP A 37 -12.15 25.10 -14.18
N VAL A 38 -11.01 24.45 -14.02
CA VAL A 38 -10.85 23.12 -14.60
C VAL A 38 -11.80 22.12 -13.96
N LEU A 39 -12.03 22.24 -12.65
CA LEU A 39 -12.95 21.29 -11.99
C LEU A 39 -14.39 21.48 -12.47
N ALA A 40 -14.80 22.75 -12.68
CA ALA A 40 -16.14 23.01 -13.21
C ALA A 40 -16.30 22.44 -14.61
N GLU A 41 -15.29 22.64 -15.47
CA GLU A 41 -15.42 22.20 -16.86
C GLU A 41 -15.53 20.69 -16.97
N ALA A 42 -14.94 19.95 -16.04
CA ALA A 42 -14.98 18.50 -16.06
C ALA A 42 -16.14 17.93 -15.26
N LYS A 43 -17.08 18.78 -14.81
CA LYS A 43 -18.26 18.34 -14.07
C LYS A 43 -17.89 17.58 -12.79
N ILE A 44 -16.89 18.11 -12.08
CA ILE A 44 -16.42 17.52 -10.83
C ILE A 44 -16.91 18.38 -9.68
N LYS A 45 -17.79 17.81 -8.85
CA LYS A 45 -18.29 18.51 -7.68
C LYS A 45 -17.34 18.31 -6.49
N HIS A 46 -17.25 19.34 -5.66
CA HIS A 46 -16.26 19.33 -4.59
C HIS A 46 -16.60 20.39 -3.56
N ALA A 47 -16.17 20.14 -2.33
CA ALA A 47 -16.22 21.19 -1.33
C ALA A 47 -15.05 22.16 -1.52
N THR A 48 -15.17 23.33 -0.91
CA THR A 48 -14.11 24.33 -0.97
C THR A 48 -14.06 25.07 0.34
N ILE A 49 -12.85 25.34 0.82
CA ILE A 49 -12.65 26.08 2.06
C ILE A 49 -11.75 27.27 1.74
N GLU A 50 -12.27 28.48 1.94
CA GLU A 50 -11.53 29.71 1.65
C GLU A 50 -10.79 30.13 2.91
N LEU A 51 -9.49 29.83 2.96
CA LEU A 51 -8.71 30.02 4.18
C LEU A 51 -8.75 31.47 4.65
N ASP A 52 -8.78 32.44 3.72
CA ASP A 52 -8.82 33.84 4.13
C ASP A 52 -10.18 34.25 4.69
N GLN A 53 -11.17 33.35 4.73
CA GLN A 53 -12.46 33.62 5.35
C GLN A 53 -12.56 33.13 6.79
N LEU A 54 -11.60 32.32 7.25
CA LEU A 54 -11.65 31.75 8.60
C LEU A 54 -10.57 32.40 9.45
N SER A 55 -10.90 32.67 10.72
CA SER A 55 -10.02 33.47 11.57
C SER A 55 -8.67 32.80 11.78
N ASN A 56 -8.63 31.46 11.81
CA ASN A 56 -7.40 30.71 11.98
C ASN A 56 -6.98 30.02 10.67
N GLY A 57 -7.10 30.74 9.55
CA GLY A 57 -6.62 30.20 8.29
C GLY A 57 -5.10 30.07 8.23
N SER A 58 -4.37 30.87 9.01
CA SER A 58 -2.91 30.79 9.04
C SER A 58 -2.46 29.49 9.67
N ALA A 59 -3.12 29.06 10.74
CA ALA A 59 -2.84 27.76 11.32
C ALA A 59 -3.18 26.62 10.36
N ILE A 60 -4.31 26.72 9.66
CA ILE A 60 -4.72 25.65 8.76
C ILE A 60 -3.74 25.52 7.61
N GLN A 61 -3.30 26.65 7.04
CA GLN A 61 -2.32 26.61 5.97
C GLN A 61 -1.07 25.85 6.40
N LYS A 62 -0.50 26.19 7.55
CA LYS A 62 0.68 25.48 8.04
C LYS A 62 0.37 24.01 8.28
N CYS A 63 -0.81 23.71 8.83
CA CYS A 63 -1.13 22.34 9.23
C CYS A 63 -1.33 21.44 8.01
N LEU A 64 -1.77 22.01 6.88
CA LEU A 64 -1.89 21.25 5.64
C LEU A 64 -0.58 20.57 5.26
N ALA A 65 0.56 21.18 5.59
CA ALA A 65 1.85 20.62 5.21
C ALA A 65 2.06 19.23 5.80
N SER A 66 1.42 18.93 6.94
CA SER A 66 1.52 17.59 7.51
C SER A 66 0.98 16.53 6.57
N PHE A 67 0.18 16.91 5.57
CA PHE A 67 -0.38 15.99 4.59
C PHE A 67 0.30 16.08 3.23
N SER A 68 0.67 17.29 2.80
CA SER A 68 1.10 17.54 1.44
C SER A 68 2.56 17.87 1.29
N LYS A 69 3.27 18.13 2.39
CA LYS A 69 4.63 18.64 2.44
C LYS A 69 4.72 20.06 1.90
N ILE A 70 3.60 20.68 1.51
CA ILE A 70 3.62 22.06 1.04
C ILE A 70 2.66 22.90 1.88
N GLU A 71 2.86 24.23 1.81
CA GLU A 71 2.19 25.19 2.67
C GLU A 71 1.46 26.29 1.90
N THR A 72 1.22 26.10 0.60
CA THR A 72 0.58 27.11 -0.23
C THR A 72 -0.82 26.66 -0.64
N VAL A 73 -1.54 27.57 -1.31
CA VAL A 73 -2.84 27.24 -1.90
C VAL A 73 -2.76 27.47 -3.42
N PRO A 74 -3.44 26.67 -4.24
CA PRO A 74 -4.43 25.62 -3.91
C PRO A 74 -3.84 24.27 -3.49
N GLN A 75 -4.58 23.50 -2.69
CA GLN A 75 -4.30 22.09 -2.48
C GLN A 75 -5.61 21.34 -2.65
N MET A 76 -5.59 20.29 -3.47
CA MET A 76 -6.79 19.49 -3.69
C MET A 76 -6.58 18.06 -3.21
N PHE A 77 -7.57 17.53 -2.48
CA PHE A 77 -7.52 16.20 -1.90
C PHE A 77 -8.68 15.35 -2.44
N VAL A 78 -8.47 14.05 -2.47
CA VAL A 78 -9.51 13.09 -2.81
C VAL A 78 -9.47 11.99 -1.78
N ARG A 79 -10.57 11.83 -1.03
CA ARG A 79 -10.76 10.72 -0.11
C ARG A 79 -9.52 10.48 0.76
N GLY A 80 -8.97 11.58 1.30
CA GLY A 80 -7.88 11.50 2.24
C GLY A 80 -6.47 11.63 1.67
N LYS A 81 -6.32 11.66 0.35
CA LYS A 81 -5.01 11.62 -0.30
C LYS A 81 -4.76 12.94 -1.03
N PHE A 82 -3.61 13.57 -0.74
CA PHE A 82 -3.21 14.78 -1.46
C PHE A 82 -3.02 14.46 -2.93
N ILE A 83 -3.59 15.29 -3.80
CA ILE A 83 -3.57 15.03 -5.23
C ILE A 83 -2.61 15.95 -5.98
N GLY A 84 -2.42 17.17 -5.50
CA GLY A 84 -1.43 18.03 -6.11
C GLY A 84 -1.81 19.50 -5.99
N ASP A 85 -0.91 20.35 -6.46
CA ASP A 85 -1.12 21.79 -6.51
C ASP A 85 -1.70 22.15 -7.88
N SER A 86 -1.60 23.41 -8.26
CA SER A 86 -2.13 23.83 -9.56
C SER A 86 -1.46 23.09 -10.71
N GLN A 87 -0.12 23.14 -10.77
CA GLN A 87 0.59 22.51 -11.89
C GLN A 87 0.23 21.03 -12.01
N THR A 88 0.19 20.32 -10.88
CA THR A 88 -0.05 18.87 -10.90
C THR A 88 -1.49 18.55 -11.33
N VAL A 89 -2.45 19.37 -10.91
CA VAL A 89 -3.84 19.11 -11.28
C VAL A 89 -4.04 19.29 -12.78
N LEU A 90 -3.58 20.41 -13.33
CA LEU A 90 -3.72 20.64 -14.77
C LEU A 90 -2.99 19.57 -15.58
N LYS A 91 -1.82 19.12 -15.11
CA LYS A 91 -1.12 18.04 -15.78
C LYS A 91 -2.01 16.81 -15.87
N TYR A 92 -2.72 16.48 -14.79
CA TYR A 92 -3.69 15.38 -14.82
C TYR A 92 -4.85 15.67 -15.75
N TYR A 93 -5.24 16.95 -15.86
CA TYR A 93 -6.34 17.34 -16.75
C TYR A 93 -5.97 17.15 -18.21
N SER A 94 -4.86 17.75 -18.66
CA SER A 94 -4.51 17.68 -20.07
C SER A 94 -3.96 16.34 -20.47
N ASN A 95 -3.71 15.44 -19.52
CA ASN A 95 -3.30 14.08 -19.83
C ASN A 95 -4.45 13.08 -19.70
N ASP A 96 -5.68 13.57 -19.50
CA ASP A 96 -6.87 12.74 -19.37
C ASP A 96 -6.76 11.74 -18.21
N GLU A 97 -5.94 12.08 -17.21
CA GLU A 97 -5.79 11.23 -16.04
C GLU A 97 -6.69 11.64 -14.87
N LEU A 98 -7.28 12.84 -14.94
CA LEU A 98 -7.92 13.44 -13.77
C LEU A 98 -9.23 12.74 -13.41
N ALA A 99 -9.98 12.27 -14.40
CA ALA A 99 -11.25 11.60 -14.12
C ALA A 99 -11.03 10.36 -13.25
N GLY A 100 -10.02 9.55 -13.57
CA GLY A 100 -9.77 8.34 -12.82
C GLY A 100 -9.26 8.61 -11.42
N ILE A 101 -8.53 9.69 -11.23
CA ILE A 101 -8.08 10.08 -9.90
C ILE A 101 -9.28 10.29 -8.97
N VAL A 102 -10.25 11.10 -9.39
CA VAL A 102 -11.35 11.49 -8.51
C VAL A 102 -12.38 10.39 -8.29
N ASN A 103 -12.43 9.39 -9.16
CA ASN A 103 -13.36 8.28 -8.98
C ASN A 103 -12.71 7.10 -8.27
N GLU A 104 -11.47 7.25 -7.80
CA GLU A 104 -10.80 6.16 -7.12
C GLU A 104 -11.31 6.05 -5.69
N SER A 105 -11.84 4.89 -5.32
CA SER A 105 -12.38 4.71 -3.98
C SER A 105 -12.32 3.26 -3.53
N LYS A 106 -11.97 3.07 -2.26
CA LYS A 106 -12.07 1.75 -1.63
C LYS A 106 -13.51 1.21 -1.63
N TYR A 107 -14.51 2.09 -1.71
CA TYR A 107 -15.91 1.69 -1.61
C TYR A 107 -16.68 2.02 -2.88
N ASP A 108 -17.86 1.41 -3.00
CA ASP A 108 -18.77 1.76 -4.09
C ASP A 108 -19.27 3.20 -3.97
N TYR A 109 -19.61 3.64 -2.75
CA TYR A 109 -20.16 4.97 -2.52
C TYR A 109 -19.45 5.64 -1.35
N ASP A 110 -19.39 6.98 -1.39
CA ASP A 110 -18.93 7.70 -0.21
C ASP A 110 -19.97 7.67 0.90
N LEU A 111 -21.25 7.57 0.55
CA LEU A 111 -22.33 7.63 1.52
C LEU A 111 -23.47 6.74 1.06
N ILE A 112 -23.96 5.89 1.96
CA ILE A 112 -25.19 5.12 1.76
C ILE A 112 -26.20 5.58 2.80
N VAL A 113 -27.37 6.04 2.34
CA VAL A 113 -28.48 6.39 3.20
C VAL A 113 -29.49 5.25 3.17
N ILE A 114 -29.82 4.70 4.34
CA ILE A 114 -30.88 3.70 4.45
C ILE A 114 -32.15 4.42 4.91
N GLY A 115 -33.10 4.55 3.98
CA GLY A 115 -34.37 5.19 4.23
C GLY A 115 -34.55 6.43 3.38
N GLY A 116 -35.60 6.47 2.55
CA GLY A 116 -35.83 7.61 1.69
C GLY A 116 -36.91 8.57 2.16
N GLY A 117 -36.83 9.03 3.41
CA GLY A 117 -37.83 9.93 3.98
C GLY A 117 -37.33 11.32 4.25
N SER A 118 -37.95 12.00 5.23
CA SER A 118 -37.60 13.38 5.55
C SER A 118 -36.09 13.54 5.74
N GLY A 119 -35.54 12.82 6.72
CA GLY A 119 -34.13 13.01 7.04
C GLY A 119 -33.21 12.49 5.94
N GLY A 120 -33.51 11.29 5.43
CA GLY A 120 -32.60 10.64 4.48
C GLY A 120 -32.48 11.37 3.15
N LEU A 121 -33.61 11.79 2.57
CA LEU A 121 -33.51 12.58 1.33
C LEU A 121 -32.73 13.87 1.58
N ALA A 122 -32.95 14.50 2.73
CA ALA A 122 -32.24 15.76 3.01
C ALA A 122 -30.74 15.53 3.11
N ALA A 123 -30.34 14.51 3.87
CA ALA A 123 -28.92 14.17 4.00
C ALA A 123 -28.28 13.84 2.65
N GLY A 124 -28.96 13.05 1.82
CA GLY A 124 -28.35 12.59 0.58
C GLY A 124 -28.17 13.71 -0.42
N LYS A 125 -29.20 14.55 -0.59
CA LYS A 125 -29.08 15.65 -1.54
C LYS A 125 -27.95 16.56 -1.15
N GLU A 126 -27.80 16.81 0.16
CA GLU A 126 -26.78 17.75 0.64
C GLU A 126 -25.37 17.20 0.45
N ALA A 127 -25.15 15.92 0.79
CA ALA A 127 -23.81 15.35 0.62
C ALA A 127 -23.38 15.40 -0.83
N ALA A 128 -24.30 15.12 -1.74
CA ALA A 128 -23.98 15.09 -3.16
C ALA A 128 -23.50 16.45 -3.68
N LYS A 129 -23.91 17.54 -3.04
CA LYS A 129 -23.47 18.86 -3.47
C LYS A 129 -21.97 19.07 -3.32
N TYR A 130 -21.31 18.32 -2.42
CA TYR A 130 -19.88 18.48 -2.21
C TYR A 130 -19.08 17.37 -2.85
N GLY A 131 -19.66 16.68 -3.83
CA GLY A 131 -18.95 15.69 -4.58
C GLY A 131 -18.93 14.30 -3.99
N ALA A 132 -19.71 14.04 -2.93
CA ALA A 132 -19.79 12.69 -2.38
C ALA A 132 -20.65 11.81 -3.28
N LYS A 133 -20.11 10.67 -3.69
CA LYS A 133 -20.91 9.70 -4.43
C LYS A 133 -21.93 9.06 -3.49
N THR A 134 -23.21 9.14 -3.83
CA THR A 134 -24.26 8.89 -2.86
C THR A 134 -25.30 7.93 -3.38
N ALA A 135 -25.71 7.01 -2.52
CA ALA A 135 -26.83 6.13 -2.79
C ALA A 135 -27.90 6.33 -1.72
N VAL A 136 -29.16 6.43 -2.15
CA VAL A 136 -30.29 6.52 -1.24
C VAL A 136 -31.22 5.35 -1.53
N LEU A 137 -31.45 4.52 -0.51
CA LEU A 137 -32.31 3.34 -0.59
C LEU A 137 -33.62 3.65 0.10
N ASP A 138 -34.73 3.27 -0.53
CA ASP A 138 -36.05 3.41 0.08
C ASP A 138 -36.96 2.26 -0.34
N TYR A 139 -37.73 1.74 0.60
CA TYR A 139 -38.66 0.65 0.39
C TYR A 139 -39.84 0.85 1.35
N VAL A 140 -41.04 0.59 0.89
CA VAL A 140 -42.23 0.74 1.72
C VAL A 140 -42.85 -0.64 1.91
N GLU A 141 -42.50 -1.30 3.02
CA GLU A 141 -43.19 -2.49 3.50
C GLU A 141 -44.69 -2.23 3.54
N PRO A 142 -45.50 -3.04 2.84
CA PRO A 142 -46.96 -2.83 2.87
C PRO A 142 -47.55 -3.04 4.26
N THR A 143 -48.71 -2.42 4.46
CA THR A 143 -49.52 -2.61 5.66
C THR A 143 -50.23 -3.96 5.57
N PRO A 144 -50.85 -4.41 6.68
CA PRO A 144 -51.54 -5.72 6.64
C PRO A 144 -52.57 -5.87 5.53
N ILE A 145 -53.37 -4.84 5.23
CA ILE A 145 -54.31 -4.97 4.10
C ILE A 145 -53.68 -4.67 2.76
N GLY A 146 -52.38 -4.31 2.72
CA GLY A 146 -51.68 -4.16 1.46
C GLY A 146 -51.29 -2.74 1.06
N THR A 147 -51.72 -1.71 1.79
CA THR A 147 -51.45 -0.33 1.40
C THR A 147 -49.96 -0.10 1.21
N THR A 148 -49.63 0.67 0.16
CA THR A 148 -48.26 1.05 -0.14
C THR A 148 -48.27 2.42 -0.84
N TRP A 149 -47.10 3.07 -0.89
CA TRP A 149 -46.96 4.43 -1.44
C TRP A 149 -45.54 4.66 -1.94
N GLY A 150 -45.28 5.89 -2.41
CA GLY A 150 -44.07 6.21 -3.12
C GLY A 150 -42.97 6.84 -2.26
N LEU A 151 -41.96 7.36 -2.95
CA LEU A 151 -40.78 7.92 -2.31
C LEU A 151 -41.10 9.16 -1.47
N GLY A 152 -40.44 9.28 -0.32
CA GLY A 152 -40.52 10.54 0.43
C GLY A 152 -40.75 10.40 1.92
N GLY A 153 -41.18 9.22 2.35
CA GLY A 153 -41.29 8.94 3.77
C GLY A 153 -42.69 9.16 4.33
N THR A 154 -42.75 9.08 5.66
CA THR A 154 -44.02 9.08 6.37
C THR A 154 -44.75 10.42 6.24
N CYS A 155 -44.03 11.53 6.48
CA CYS A 155 -44.69 12.84 6.46
C CYS A 155 -45.36 13.09 5.11
N VAL A 156 -44.63 12.85 4.01
CA VAL A 156 -45.10 13.19 2.67
C VAL A 156 -46.29 12.34 2.26
N ASN A 157 -46.25 11.03 2.56
CA ASN A 157 -47.25 10.08 2.08
C ASN A 157 -48.36 9.78 3.09
N VAL A 158 -48.06 9.67 4.39
CA VAL A 158 -49.05 9.19 5.35
C VAL A 158 -48.95 9.93 6.67
N GLY A 159 -48.40 11.17 6.63
CA GLY A 159 -48.30 12.01 7.82
C GLY A 159 -48.67 13.47 7.62
N CYS A 160 -47.71 14.38 7.88
CA CYS A 160 -48.04 15.81 7.98
C CYS A 160 -48.83 16.32 6.78
N ILE A 161 -48.47 15.92 5.57
CA ILE A 161 -48.99 16.54 4.36
C ILE A 161 -50.46 16.14 4.15
N PRO A 162 -50.81 14.85 4.02
CA PRO A 162 -52.23 14.51 3.90
C PRO A 162 -53.04 14.85 5.15
N LYS A 163 -52.44 14.73 6.35
CA LYS A 163 -53.12 15.12 7.58
C LYS A 163 -53.58 16.59 7.54
N LYS A 164 -52.70 17.50 7.19
CA LYS A 164 -53.09 18.91 7.25
C LYS A 164 -53.99 19.28 6.08
N LEU A 165 -53.87 18.58 4.95
CA LEU A 165 -54.80 18.83 3.85
C LEU A 165 -56.22 18.44 4.24
N MET A 166 -56.39 17.31 4.92
CA MET A 166 -57.72 16.88 5.36
C MET A 166 -58.21 17.76 6.51
N HIS A 167 -57.30 18.20 7.38
CA HIS A 167 -57.64 19.22 8.37
C HIS A 167 -58.20 20.47 7.70
N GLN A 168 -57.56 20.90 6.61
CA GLN A 168 -58.04 22.07 5.89
C GLN A 168 -59.45 21.85 5.34
N ALA A 169 -59.72 20.65 4.81
CA ALA A 169 -61.07 20.36 4.33
C ALA A 169 -62.08 20.44 5.47
N GLY A 170 -61.68 20.02 6.68
CA GLY A 170 -62.53 20.20 7.84
C GLY A 170 -62.76 21.67 8.20
N LEU A 171 -61.67 22.45 8.24
CA LEU A 171 -61.81 23.88 8.54
C LEU A 171 -62.73 24.58 7.56
N LEU A 172 -62.72 24.16 6.29
CA LEU A 172 -63.58 24.82 5.32
C LEU A 172 -65.05 24.65 5.63
N SER A 173 -65.42 23.69 6.48
CA SER A 173 -66.84 23.57 6.83
C SER A 173 -67.29 24.76 7.67
N HIS A 174 -66.44 25.26 8.57
CA HIS A 174 -66.78 26.43 9.37
C HIS A 174 -66.72 27.72 8.55
N ALA A 175 -65.86 27.75 7.53
CA ALA A 175 -65.86 28.87 6.61
C ALA A 175 -67.21 29.02 5.91
N LEU A 176 -67.78 27.91 5.45
CA LEU A 176 -69.10 27.95 4.81
C LEU A 176 -70.18 28.39 5.79
N GLU A 177 -70.11 27.92 7.03
CA GLU A 177 -70.96 28.43 8.10
C GLU A 177 -70.75 29.94 8.31
N ASP A 178 -69.51 30.36 8.57
CA ASP A 178 -69.24 31.77 8.85
C ASP A 178 -69.63 32.68 7.69
N ALA A 179 -69.68 32.14 6.47
CA ALA A 179 -69.90 32.98 5.28
C ALA A 179 -71.27 33.65 5.31
N GLU A 180 -72.29 32.92 5.80
CA GLU A 180 -73.64 33.49 5.81
C GLU A 180 -73.71 34.73 6.68
N HIS A 181 -73.06 34.71 7.85
CA HIS A 181 -73.13 35.86 8.73
C HIS A 181 -72.39 37.05 8.15
N PHE A 182 -71.38 36.83 7.33
CA PHE A 182 -70.73 37.95 6.69
C PHE A 182 -71.44 38.40 5.42
N GLY A 183 -72.58 37.80 5.08
CA GLY A 183 -73.42 38.30 4.00
C GLY A 183 -73.46 37.48 2.71
N TRP A 184 -72.90 36.27 2.67
CA TRP A 184 -72.98 35.45 1.46
C TRP A 184 -74.27 34.61 1.46
N SER A 185 -74.79 34.32 0.28
CA SER A 185 -76.15 33.80 0.16
C SER A 185 -76.25 32.27 0.27
N LEU A 186 -75.16 31.55 0.53
CA LEU A 186 -75.26 30.09 0.61
C LEU A 186 -76.01 29.64 1.87
N ASP A 187 -76.46 28.38 1.83
CA ASP A 187 -77.08 27.73 2.99
C ASP A 187 -76.28 26.49 3.36
N ARG A 188 -75.50 26.58 4.44
CA ARG A 188 -74.61 25.50 4.86
C ARG A 188 -75.35 24.18 5.05
N SER A 189 -76.62 24.23 5.48
CA SER A 189 -77.36 23.00 5.77
C SER A 189 -77.70 22.18 4.53
N LYS A 190 -77.51 22.71 3.33
CA LYS A 190 -77.80 21.97 2.10
C LYS A 190 -76.53 21.45 1.42
N ILE A 191 -75.37 21.52 2.08
CA ILE A 191 -74.10 21.17 1.46
C ILE A 191 -73.50 19.97 2.18
N SER A 192 -72.99 19.02 1.40
CA SER A 192 -72.41 17.79 1.93
C SER A 192 -71.00 17.64 1.38
N HIS A 193 -70.29 16.64 1.91
CA HIS A 193 -68.89 16.39 1.57
C HIS A 193 -68.74 15.04 0.88
N ASN A 194 -67.88 14.98 -0.13
CA ASN A 194 -67.57 13.76 -0.88
C ASN A 194 -66.14 13.32 -0.56
N TRP A 195 -66.00 12.25 0.23
CA TRP A 195 -64.68 11.80 0.67
C TRP A 195 -63.77 11.46 -0.51
N SER A 196 -64.27 10.67 -1.46
CA SER A 196 -63.38 10.20 -2.53
C SER A 196 -62.89 11.37 -3.41
N THR A 197 -63.69 12.41 -3.58
CA THR A 197 -63.19 13.58 -4.30
C THR A 197 -62.00 14.19 -3.56
N MET A 198 -62.06 14.22 -2.23
CA MET A 198 -60.96 14.77 -1.42
C MET A 198 -59.71 13.90 -1.52
N VAL A 199 -59.86 12.58 -1.33
CA VAL A 199 -58.72 11.67 -1.41
C VAL A 199 -58.03 11.80 -2.76
N GLU A 200 -58.81 11.81 -3.84
CA GLU A 200 -58.25 11.96 -5.17
C GLU A 200 -57.37 13.20 -5.27
N GLY A 201 -57.85 14.33 -4.75
CA GLY A 201 -57.06 15.54 -4.81
C GLY A 201 -55.81 15.47 -3.92
N VAL A 202 -55.96 14.95 -2.69
CA VAL A 202 -54.80 14.78 -1.80
C VAL A 202 -53.76 13.90 -2.47
N GLN A 203 -54.21 12.76 -3.02
CA GLN A 203 -53.28 11.80 -3.58
C GLN A 203 -52.57 12.37 -4.80
N SER A 204 -53.25 13.21 -5.56
CA SER A 204 -52.60 13.82 -6.72
C SER A 204 -51.44 14.71 -6.30
N HIS A 205 -51.63 15.51 -5.23
CA HIS A 205 -50.52 16.32 -4.72
C HIS A 205 -49.39 15.44 -4.19
N ILE A 206 -49.73 14.39 -3.43
CA ILE A 206 -48.71 13.48 -2.91
C ILE A 206 -47.91 12.87 -4.08
N GLY A 207 -48.60 12.46 -5.13
CA GLY A 207 -47.92 11.90 -6.29
C GLY A 207 -46.99 12.87 -6.98
N SER A 208 -47.33 14.16 -6.96
CA SER A 208 -46.39 15.13 -7.52
C SER A 208 -45.17 15.33 -6.61
N LEU A 209 -45.29 15.06 -5.31
CA LEU A 209 -44.09 15.06 -4.48
C LEU A 209 -43.24 13.82 -4.71
N ASN A 210 -43.86 12.63 -4.79
CA ASN A 210 -43.14 11.42 -5.18
C ASN A 210 -42.27 11.67 -6.40
N TRP A 211 -42.85 12.25 -7.46
CA TRP A 211 -42.10 12.50 -8.69
C TRP A 211 -41.05 13.59 -8.50
N GLY A 212 -41.38 14.62 -7.73
CA GLY A 212 -40.44 15.70 -7.51
C GLY A 212 -39.15 15.24 -6.85
N TYR A 213 -39.26 14.32 -5.87
CA TYR A 213 -38.06 13.80 -5.22
C TYR A 213 -37.21 12.94 -6.15
N LYS A 214 -37.84 12.10 -6.99
CA LYS A 214 -37.06 11.31 -7.95
C LYS A 214 -36.33 12.21 -8.94
N VAL A 215 -36.98 13.28 -9.38
CA VAL A 215 -36.33 14.25 -10.26
C VAL A 215 -35.19 14.94 -9.53
N ALA A 216 -35.36 15.22 -8.23
CA ALA A 216 -34.30 15.88 -7.47
C ALA A 216 -33.07 14.98 -7.31
N LEU A 217 -33.27 13.70 -6.98
CA LEU A 217 -32.12 12.83 -6.82
C LEU A 217 -31.41 12.63 -8.15
N ARG A 218 -32.16 12.54 -9.25
CA ARG A 218 -31.52 12.46 -10.57
C ARG A 218 -30.68 13.70 -10.85
N ASP A 219 -31.23 14.91 -10.65
CA ASP A 219 -30.51 16.13 -11.01
C ASP A 219 -29.32 16.43 -10.09
N ASN A 220 -29.24 15.78 -8.93
CA ASN A 220 -28.09 15.85 -8.05
C ASN A 220 -27.14 14.66 -8.21
N GLN A 221 -27.41 13.75 -9.16
CA GLN A 221 -26.56 12.59 -9.43
C GLN A 221 -26.52 11.62 -8.25
N VAL A 222 -27.64 11.46 -7.56
CA VAL A 222 -27.78 10.49 -6.47
C VAL A 222 -28.40 9.21 -7.03
N THR A 223 -27.77 8.07 -6.75
CA THR A 223 -28.37 6.80 -7.15
C THR A 223 -29.57 6.51 -6.25
N TYR A 224 -30.73 6.28 -6.86
CA TYR A 224 -31.92 5.89 -6.13
C TYR A 224 -32.20 4.40 -6.37
N LEU A 225 -32.13 3.61 -5.31
CA LEU A 225 -32.47 2.18 -5.36
C LEU A 225 -33.74 1.96 -4.56
N ASN A 226 -34.82 1.58 -5.24
CA ASN A 226 -36.06 1.17 -4.60
C ASN A 226 -35.86 -0.27 -4.12
N ALA A 227 -35.18 -0.42 -3.00
CA ALA A 227 -34.88 -1.73 -2.44
C ALA A 227 -34.70 -1.62 -0.93
N LYS A 228 -34.95 -2.73 -0.25
CA LYS A 228 -34.80 -2.83 1.20
C LYS A 228 -33.33 -3.08 1.56
N GLY A 229 -32.76 -2.22 2.39
CA GLY A 229 -31.36 -2.32 2.79
C GLY A 229 -31.18 -2.96 4.15
N ARG A 230 -30.04 -3.61 4.35
CA ARG A 230 -29.70 -4.23 5.62
C ARG A 230 -28.19 -4.14 5.84
N LEU A 231 -27.80 -3.53 6.96
CA LEU A 231 -26.38 -3.32 7.26
C LEU A 231 -25.81 -4.59 7.89
N ILE A 232 -24.96 -5.31 7.15
CA ILE A 232 -24.42 -6.57 7.64
C ILE A 232 -23.03 -6.43 8.24
N SER A 233 -22.29 -5.40 7.88
CA SER A 233 -21.00 -5.08 8.50
C SER A 233 -20.83 -3.57 8.41
N PRO A 234 -19.87 -3.00 9.14
CA PRO A 234 -19.75 -1.52 9.17
C PRO A 234 -19.80 -0.84 7.81
N HIS A 235 -19.33 -1.48 6.72
CA HIS A 235 -19.31 -0.85 5.41
C HIS A 235 -20.14 -1.59 4.36
N GLU A 236 -20.88 -2.64 4.73
CA GLU A 236 -21.53 -3.51 3.74
C GLU A 236 -23.04 -3.50 3.91
N VAL A 237 -23.74 -3.07 2.87
CA VAL A 237 -25.20 -3.01 2.87
C VAL A 237 -25.75 -4.02 1.89
N GLN A 238 -26.53 -4.97 2.40
CA GLN A 238 -27.21 -5.97 1.58
C GLN A 238 -28.56 -5.42 1.11
N ILE A 239 -28.84 -5.54 -0.19
CA ILE A 239 -30.06 -5.00 -0.78
C ILE A 239 -30.93 -6.12 -1.36
N THR A 240 -32.24 -5.93 -1.29
CA THR A 240 -33.20 -6.85 -1.90
C THR A 240 -34.18 -6.03 -2.72
N ASP A 241 -34.26 -6.29 -4.03
CA ASP A 241 -35.07 -5.47 -4.93
C ASP A 241 -36.47 -6.06 -5.09
N LYS A 242 -37.26 -5.48 -5.99
CA LYS A 242 -38.66 -5.88 -6.17
C LYS A 242 -38.82 -7.23 -6.86
N ASN A 243 -37.72 -7.86 -7.27
CA ASN A 243 -37.75 -9.22 -7.78
C ASN A 243 -37.10 -10.19 -6.79
N GLN A 244 -36.86 -9.73 -5.56
CA GLN A 244 -36.18 -10.48 -4.51
C GLN A 244 -34.74 -10.86 -4.89
N LYS A 245 -34.14 -10.15 -5.84
CA LYS A 245 -32.72 -10.34 -6.15
C LYS A 245 -31.86 -9.68 -5.08
N VAL A 246 -30.83 -10.40 -4.61
CA VAL A 246 -30.06 -9.97 -3.46
C VAL A 246 -28.61 -9.68 -3.89
N SER A 247 -28.06 -8.60 -3.35
CA SER A 247 -26.69 -8.20 -3.67
C SER A 247 -26.14 -7.33 -2.53
N THR A 248 -24.85 -7.03 -2.61
CA THR A 248 -24.14 -6.28 -1.57
C THR A 248 -23.46 -5.06 -2.17
N ILE A 249 -23.62 -3.91 -1.52
CA ILE A 249 -22.92 -2.69 -1.88
C ILE A 249 -22.18 -2.20 -0.65
N THR A 250 -21.10 -1.48 -0.89
CA THR A 250 -20.28 -0.94 0.18
C THR A 250 -20.29 0.58 0.14
N GLY A 251 -20.06 1.18 1.29
CA GLY A 251 -19.96 2.63 1.38
C GLY A 251 -19.03 3.03 2.50
N ASN A 252 -18.43 4.22 2.36
CA ASN A 252 -17.56 4.72 3.42
C ASN A 252 -18.37 5.11 4.65
N LYS A 253 -19.25 6.11 4.53
CA LYS A 253 -20.10 6.55 5.63
C LYS A 253 -21.51 6.03 5.43
N ILE A 254 -22.18 5.67 6.53
CA ILE A 254 -23.51 5.08 6.51
C ILE A 254 -24.43 5.92 7.39
N ILE A 255 -25.57 6.35 6.83
CA ILE A 255 -26.59 7.06 7.61
C ILE A 255 -27.83 6.19 7.70
N LEU A 256 -28.25 5.90 8.91
CA LEU A 256 -29.50 5.19 9.15
C LEU A 256 -30.63 6.21 9.36
N ALA A 257 -31.71 6.05 8.60
CA ALA A 257 -32.84 6.99 8.57
C ALA A 257 -34.09 6.24 8.09
N THR A 258 -34.43 5.16 8.79
CA THR A 258 -35.48 4.25 8.33
C THR A 258 -36.84 4.49 8.99
N GLY A 259 -36.93 5.38 10.00
CA GLY A 259 -38.22 5.75 10.58
C GLY A 259 -38.92 4.66 11.39
N GLU A 260 -40.23 4.86 11.58
CA GLU A 260 -41.09 3.97 12.35
C GLU A 260 -42.34 3.63 11.54
N ARG A 261 -43.12 2.72 12.07
CA ARG A 261 -44.43 2.37 11.55
C ARG A 261 -45.39 2.26 12.74
N PRO A 262 -46.71 2.30 12.47
CA PRO A 262 -47.70 2.21 13.56
C PRO A 262 -47.71 0.87 14.32
N LYS A 263 -47.95 0.94 15.63
CA LYS A 263 -48.21 -0.23 16.47
C LYS A 263 -49.66 -0.69 16.39
N TYR A 264 -49.90 -1.96 16.74
CA TYR A 264 -51.24 -2.49 16.98
C TYR A 264 -51.36 -3.02 18.40
N PRO A 265 -52.54 -2.90 19.01
CA PRO A 265 -52.73 -3.55 20.32
C PRO A 265 -52.85 -5.06 20.14
N GLU A 266 -52.39 -5.79 21.14
CA GLU A 266 -52.35 -7.25 21.08
C GLU A 266 -53.69 -7.84 21.52
N ILE A 267 -54.68 -7.68 20.66
CA ILE A 267 -56.01 -8.21 20.92
C ILE A 267 -56.50 -8.88 19.65
N PRO A 268 -57.43 -9.83 19.77
CA PRO A 268 -57.93 -10.53 18.57
C PRO A 268 -58.71 -9.61 17.65
N GLY A 269 -58.49 -9.79 16.35
CA GLY A 269 -59.20 -9.02 15.34
C GLY A 269 -58.54 -7.71 14.96
N ALA A 270 -57.54 -7.24 15.70
CA ALA A 270 -56.95 -5.93 15.44
C ALA A 270 -56.35 -5.87 14.03
N VAL A 271 -55.27 -6.65 13.82
CA VAL A 271 -54.58 -6.68 12.53
C VAL A 271 -55.55 -7.01 11.41
N GLU A 272 -56.50 -7.92 11.65
CA GLU A 272 -57.35 -8.41 10.57
C GLU A 272 -58.40 -7.39 10.15
N TYR A 273 -59.04 -6.72 11.10
CA TYR A 273 -60.25 -5.97 10.79
C TYR A 273 -60.16 -4.46 10.95
N GLY A 274 -59.12 -3.93 11.60
CA GLY A 274 -58.93 -2.50 11.72
C GLY A 274 -57.82 -1.98 10.80
N ILE A 275 -57.64 -0.65 10.83
CA ILE A 275 -56.64 0.01 10.02
C ILE A 275 -55.80 0.96 10.89
N THR A 276 -54.77 1.55 10.28
CA THR A 276 -54.06 2.64 10.95
C THR A 276 -53.99 3.88 10.05
N SER A 277 -53.25 4.89 10.48
CA SER A 277 -53.11 6.10 9.69
C SER A 277 -52.42 5.82 8.36
N ASP A 278 -51.51 4.83 8.34
CA ASP A 278 -50.90 4.38 7.08
C ASP A 278 -51.96 4.08 6.00
N ASP A 279 -53.13 3.56 6.40
CA ASP A 279 -54.16 3.22 5.42
C ASP A 279 -55.17 4.33 5.16
N LEU A 280 -55.31 5.26 6.10
CA LEU A 280 -56.47 6.16 6.09
C LEU A 280 -56.37 7.18 4.99
N PHE A 281 -55.17 7.67 4.72
CA PHE A 281 -55.01 8.80 3.81
C PHE A 281 -55.18 8.43 2.34
N SER A 282 -55.35 7.15 2.00
CA SER A 282 -55.66 6.74 0.64
C SER A 282 -56.83 5.77 0.61
N LEU A 283 -57.65 5.72 1.66
CA LEU A 283 -58.78 4.81 1.75
C LEU A 283 -59.79 5.10 0.63
N PRO A 284 -60.14 4.11 -0.18
CA PRO A 284 -61.04 4.38 -1.33
C PRO A 284 -62.50 4.64 -0.95
N TYR A 285 -62.94 4.36 0.28
CA TYR A 285 -64.31 4.60 0.72
C TYR A 285 -64.30 5.44 1.98
N PHE A 286 -65.36 6.23 2.19
CA PHE A 286 -65.52 6.96 3.45
C PHE A 286 -65.52 5.96 4.61
N PRO A 287 -64.82 6.24 5.70
CA PRO A 287 -64.82 5.31 6.84
C PRO A 287 -66.20 5.02 7.42
N GLY A 288 -67.13 5.97 7.37
CA GLY A 288 -68.41 5.87 8.05
C GLY A 288 -68.27 6.03 9.56
N LYS A 289 -69.20 5.41 10.28
CA LYS A 289 -69.14 5.43 11.73
C LYS A 289 -67.83 4.83 12.20
N THR A 290 -67.01 5.63 12.90
CA THR A 290 -65.63 5.31 13.14
C THR A 290 -65.31 5.33 14.61
N LEU A 291 -64.51 4.37 15.04
CA LEU A 291 -63.93 4.34 16.37
C LEU A 291 -62.43 4.56 16.24
N VAL A 292 -61.92 5.59 16.90
CA VAL A 292 -60.49 5.85 16.97
C VAL A 292 -60.02 5.39 18.34
N ILE A 293 -58.98 4.56 18.38
CA ILE A 293 -58.48 4.02 19.64
C ILE A 293 -57.11 4.62 19.89
N GLY A 294 -57.00 5.38 20.97
CA GLY A 294 -55.79 6.14 21.27
C GLY A 294 -56.09 7.57 21.66
N ALA A 295 -55.03 8.27 22.04
CA ALA A 295 -55.24 9.65 22.45
C ALA A 295 -54.05 10.55 22.15
N SER A 296 -53.15 10.12 21.27
CA SER A 296 -52.04 10.95 20.83
C SER A 296 -52.54 12.04 19.88
N TYR A 297 -51.61 12.89 19.44
CA TYR A 297 -51.97 13.91 18.46
C TYR A 297 -52.48 13.28 17.17
N VAL A 298 -51.90 12.15 16.74
CA VAL A 298 -52.41 11.48 15.53
C VAL A 298 -53.88 11.11 15.72
N ALA A 299 -54.21 10.49 16.86
CA ALA A 299 -55.58 10.08 17.16
C ALA A 299 -56.53 11.25 17.12
N LEU A 300 -56.19 12.32 17.86
CA LEU A 300 -57.09 13.47 17.99
C LEU A 300 -57.22 14.25 16.67
N GLU A 301 -56.11 14.43 15.93
CA GLU A 301 -56.21 15.13 14.65
C GLU A 301 -57.08 14.38 13.66
N CYS A 302 -56.87 13.06 13.55
CA CYS A 302 -57.69 12.26 12.64
C CYS A 302 -59.16 12.29 13.06
N ALA A 303 -59.45 12.02 14.34
CA ALA A 303 -60.85 12.08 14.76
C ALA A 303 -61.42 13.46 14.52
N GLY A 304 -60.59 14.49 14.70
CA GLY A 304 -61.05 15.86 14.51
C GLY A 304 -61.51 16.17 13.09
N PHE A 305 -60.69 15.84 12.08
CA PHE A 305 -61.20 16.22 10.76
C PHE A 305 -62.30 15.27 10.26
N LEU A 306 -62.32 14.01 10.71
CA LEU A 306 -63.43 13.13 10.30
C LEU A 306 -64.76 13.67 10.80
N ALA A 307 -64.77 14.21 12.02
CA ALA A 307 -66.00 14.78 12.56
C ALA A 307 -66.44 15.99 11.77
N SER A 308 -65.50 16.91 11.47
CA SER A 308 -65.84 18.09 10.66
C SER A 308 -66.32 17.70 9.26
N LEU A 309 -65.78 16.61 8.69
CA LEU A 309 -66.30 16.22 7.39
C LEU A 309 -67.71 15.60 7.46
N GLY A 310 -68.29 15.43 8.65
CA GLY A 310 -69.64 14.96 8.78
C GLY A 310 -69.80 13.57 9.36
N GLY A 311 -68.72 12.94 9.81
CA GLY A 311 -68.81 11.58 10.29
C GLY A 311 -69.20 11.46 11.76
N ASP A 312 -69.61 10.24 12.11
CA ASP A 312 -69.97 9.83 13.46
C ASP A 312 -68.71 9.20 14.06
N VAL A 313 -68.06 9.91 14.98
CA VAL A 313 -66.72 9.58 15.43
C VAL A 313 -66.70 9.45 16.95
N THR A 314 -66.00 8.42 17.45
CA THR A 314 -65.75 8.20 18.86
C THR A 314 -64.26 7.94 19.10
N VAL A 315 -63.73 8.47 20.19
CA VAL A 315 -62.34 8.25 20.58
C VAL A 315 -62.35 7.49 21.91
N MET A 316 -61.63 6.37 21.96
CA MET A 316 -61.54 5.53 23.16
C MET A 316 -60.21 5.85 23.86
N VAL A 317 -60.28 6.45 25.06
CA VAL A 317 -59.13 7.01 25.77
C VAL A 317 -58.80 6.12 26.98
N ARG A 318 -57.59 5.55 27.01
CA ARG A 318 -57.19 4.70 28.13
C ARG A 318 -57.06 5.51 29.43
N SER A 319 -56.32 6.63 29.40
CA SER A 319 -56.18 7.48 30.58
C SER A 319 -56.33 8.96 30.23
N ILE A 320 -55.29 9.58 29.66
CA ILE A 320 -55.31 11.02 29.42
C ILE A 320 -55.12 11.34 27.94
N LEU A 321 -55.46 12.58 27.56
CA LEU A 321 -55.19 13.09 26.22
C LEU A 321 -53.77 13.65 26.14
N LEU A 322 -53.08 13.35 25.04
CA LEU A 322 -51.84 14.05 24.71
C LEU A 322 -50.81 13.95 25.84
N ARG A 323 -50.60 12.72 26.32
CA ARG A 323 -49.59 12.48 27.35
C ARG A 323 -48.26 13.07 26.90
N GLY A 324 -47.60 13.81 27.82
CA GLY A 324 -46.38 14.50 27.49
C GLY A 324 -46.53 15.94 27.08
N PHE A 325 -47.74 16.41 26.82
CA PHE A 325 -48.02 17.82 26.56
C PHE A 325 -48.66 18.44 27.81
N ASP A 326 -48.54 19.77 27.90
CA ASP A 326 -49.20 20.54 28.97
C ASP A 326 -50.65 20.10 29.12
N GLN A 327 -51.03 19.62 30.30
CA GLN A 327 -52.31 18.93 30.44
C GLN A 327 -53.49 19.89 30.56
N GLN A 328 -53.28 21.12 31.03
CA GLN A 328 -54.36 22.10 30.98
C GLN A 328 -54.73 22.40 29.53
N MET A 329 -53.70 22.63 28.69
CA MET A 329 -53.91 22.81 27.25
C MET A 329 -54.58 21.58 26.63
N ALA A 330 -54.08 20.39 26.98
CA ALA A 330 -54.63 19.15 26.44
C ALA A 330 -56.13 19.03 26.69
N GLU A 331 -56.56 19.36 27.91
CA GLU A 331 -57.98 19.23 28.23
C GLU A 331 -58.82 20.27 27.50
N LYS A 332 -58.32 21.51 27.39
CA LYS A 332 -59.03 22.50 26.59
C LYS A 332 -59.18 22.04 25.14
N VAL A 333 -58.13 21.42 24.59
CA VAL A 333 -58.21 20.84 23.25
C VAL A 333 -59.31 19.80 23.19
N GLY A 334 -59.33 18.91 24.18
CA GLY A 334 -60.37 17.88 24.22
C GLY A 334 -61.76 18.46 24.38
N ASP A 335 -61.91 19.46 25.27
CA ASP A 335 -63.23 20.03 25.53
C ASP A 335 -63.83 20.63 24.27
N TYR A 336 -63.02 21.33 23.48
CA TYR A 336 -63.51 21.90 22.24
C TYR A 336 -63.99 20.80 21.28
N MET A 337 -63.18 19.75 21.08
CA MET A 337 -63.64 18.66 20.24
C MET A 337 -64.97 18.09 20.75
N GLU A 338 -65.08 17.85 22.05
CA GLU A 338 -66.31 17.25 22.55
C GLU A 338 -67.52 18.18 22.39
N ASN A 339 -67.33 19.50 22.51
CA ASN A 339 -68.44 20.41 22.26
C ASN A 339 -68.80 20.54 20.78
N HIS A 340 -67.94 20.07 19.89
CA HIS A 340 -68.18 20.23 18.46
C HIS A 340 -68.30 18.89 17.75
N GLY A 341 -68.88 17.90 18.41
CA GLY A 341 -69.35 16.70 17.74
C GLY A 341 -68.44 15.48 17.75
N VAL A 342 -67.36 15.44 18.55
CA VAL A 342 -66.56 14.23 18.75
C VAL A 342 -66.99 13.57 20.07
N LYS A 343 -67.35 12.29 20.04
CA LYS A 343 -67.68 11.58 21.28
C LYS A 343 -66.44 10.90 21.88
N PHE A 344 -66.39 10.84 23.20
CA PHE A 344 -65.26 10.23 23.90
C PHE A 344 -65.74 9.11 24.82
N ALA A 345 -64.99 8.00 24.84
CA ALA A 345 -65.20 6.90 25.78
C ALA A 345 -64.00 6.88 26.71
N LYS A 346 -64.15 7.45 27.89
CA LYS A 346 -63.02 7.73 28.75
C LYS A 346 -62.70 6.54 29.66
N LEU A 347 -61.41 6.40 30.00
CA LEU A 347 -60.89 5.35 30.86
C LEU A 347 -61.35 3.97 30.37
N CYS A 348 -61.05 3.71 29.10
CA CYS A 348 -61.58 2.56 28.40
C CYS A 348 -60.52 1.99 27.46
N VAL A 349 -60.52 0.66 27.31
CA VAL A 349 -59.56 -0.05 26.46
C VAL A 349 -60.29 -1.16 25.71
N PRO A 350 -59.80 -1.49 24.52
CA PRO A 350 -60.45 -2.53 23.71
C PRO A 350 -60.01 -3.93 24.09
N ASP A 351 -60.95 -4.90 23.98
CA ASP A 351 -60.61 -6.31 24.22
C ASP A 351 -60.61 -7.19 22.97
N GLU A 352 -61.47 -6.91 21.99
CA GLU A 352 -61.42 -7.65 20.72
C GLU A 352 -62.29 -6.98 19.68
N ILE A 353 -62.00 -7.29 18.41
CA ILE A 353 -62.78 -6.83 17.26
C ILE A 353 -63.36 -8.04 16.55
N LYS A 354 -64.67 -8.03 16.32
CA LYS A 354 -65.33 -9.09 15.57
C LYS A 354 -65.89 -8.55 14.27
N GLN A 355 -65.77 -9.34 13.22
CA GLN A 355 -66.21 -8.96 11.88
C GLN A 355 -67.65 -9.39 11.68
N LEU A 356 -68.53 -8.42 11.42
CA LEU A 356 -69.92 -8.68 11.03
C LEU A 356 -70.15 -8.58 9.52
N LYS A 357 -69.40 -7.70 8.82
CA LYS A 357 -69.44 -7.59 7.37
C LYS A 357 -68.03 -7.45 6.82
N VAL A 358 -67.75 -8.16 5.72
CA VAL A 358 -66.50 -7.99 5.00
C VAL A 358 -66.56 -6.67 4.23
N VAL A 359 -65.38 -6.05 4.05
CA VAL A 359 -65.30 -4.81 3.29
C VAL A 359 -65.78 -5.06 1.86
N ASP A 360 -66.79 -4.30 1.42
CA ASP A 360 -67.40 -4.41 0.10
C ASP A 360 -66.51 -3.71 -0.92
N THR A 361 -65.51 -4.45 -1.41
CA THR A 361 -64.51 -3.89 -2.31
C THR A 361 -65.11 -3.42 -3.63
N GLU A 362 -66.22 -4.00 -4.06
CA GLU A 362 -66.81 -3.63 -5.35
C GLU A 362 -67.63 -2.36 -5.21
N ASN A 363 -68.73 -2.41 -4.47
CA ASN A 363 -69.62 -1.26 -4.31
C ASN A 363 -68.96 -0.12 -3.53
N ASN A 364 -67.73 -0.33 -3.06
CA ASN A 364 -66.93 0.71 -2.44
C ASN A 364 -67.54 1.18 -1.13
N LYS A 365 -67.71 0.27 -0.17
CA LYS A 365 -68.30 0.56 1.11
C LYS A 365 -67.46 -0.12 2.17
N PRO A 366 -67.42 0.43 3.38
CA PRO A 366 -66.73 -0.25 4.48
C PRO A 366 -67.51 -1.50 4.92
N GLY A 367 -66.87 -2.30 5.76
CA GLY A 367 -67.54 -3.41 6.42
C GLY A 367 -68.35 -3.01 7.64
N LEU A 368 -68.43 -3.92 8.61
CA LEU A 368 -69.09 -3.66 9.88
C LEU A 368 -68.42 -4.52 10.95
N LEU A 369 -68.10 -3.89 12.08
CA LEU A 369 -67.36 -4.58 13.13
C LEU A 369 -68.07 -4.41 14.47
N LEU A 370 -67.88 -5.40 15.34
CA LEU A 370 -68.33 -5.33 16.73
C LEU A 370 -67.10 -5.18 17.61
N VAL A 371 -67.09 -4.15 18.46
CA VAL A 371 -65.96 -3.87 19.34
C VAL A 371 -66.40 -4.10 20.79
N LYS A 372 -65.61 -4.89 21.51
CA LYS A 372 -65.83 -5.18 22.92
C LYS A 372 -64.63 -4.72 23.72
N GLY A 373 -64.89 -4.05 24.85
CA GLY A 373 -63.84 -3.60 25.75
C GLY A 373 -64.32 -3.45 27.20
N HIS A 374 -63.60 -2.67 28.01
CA HIS A 374 -64.03 -2.44 29.39
C HIS A 374 -63.47 -1.13 29.92
N TYR A 375 -64.21 -0.52 30.85
CA TYR A 375 -63.76 0.66 31.57
C TYR A 375 -62.89 0.27 32.75
N THR A 376 -62.13 1.23 33.28
CA THR A 376 -61.16 0.85 34.31
C THR A 376 -61.83 0.39 35.60
N ASP A 377 -63.12 0.70 35.79
CA ASP A 377 -63.86 0.17 36.93
C ASP A 377 -64.41 -1.23 36.67
N GLY A 378 -64.25 -1.75 35.44
CA GLY A 378 -64.67 -3.09 35.09
C GLY A 378 -65.97 -3.18 34.33
N LYS A 379 -66.79 -2.11 34.30
CA LYS A 379 -67.98 -2.10 33.45
C LYS A 379 -67.61 -2.42 32.01
N LYS A 380 -68.59 -2.80 31.19
CA LYS A 380 -68.34 -3.33 29.85
C LYS A 380 -68.63 -2.31 28.77
N PHE A 381 -67.86 -2.39 27.69
CA PHE A 381 -68.08 -1.59 26.48
C PHE A 381 -68.40 -2.53 25.32
N GLU A 382 -69.52 -2.29 24.64
CA GLU A 382 -69.88 -3.05 23.45
C GLU A 382 -70.62 -2.15 22.47
N GLU A 383 -70.12 -2.03 21.23
CA GLU A 383 -70.71 -1.16 20.21
C GLU A 383 -70.22 -1.54 18.82
N GLU A 384 -71.07 -1.24 17.82
CA GLU A 384 -70.77 -1.49 16.41
C GLU A 384 -70.20 -0.25 15.74
N PHE A 385 -69.18 -0.45 14.88
CA PHE A 385 -68.64 0.62 14.04
C PHE A 385 -68.32 0.06 12.67
N GLU A 386 -68.27 0.94 11.66
CA GLU A 386 -67.89 0.54 10.32
C GLU A 386 -66.38 0.51 10.10
N THR A 387 -65.64 1.37 10.79
CA THR A 387 -64.18 1.44 10.70
C THR A 387 -63.58 1.57 12.10
N VAL A 388 -62.48 0.86 12.34
CA VAL A 388 -61.74 0.99 13.59
C VAL A 388 -60.33 1.40 13.26
N ILE A 389 -59.92 2.56 13.79
CA ILE A 389 -58.60 3.12 13.53
C ILE A 389 -57.77 3.04 14.80
N PHE A 390 -56.63 2.36 14.73
CA PHE A 390 -55.72 2.29 15.87
C PHE A 390 -54.66 3.37 15.75
N ALA A 391 -54.54 4.17 16.81
CA ALA A 391 -53.52 5.20 16.94
C ALA A 391 -52.89 5.07 18.31
N VAL A 392 -52.14 3.98 18.50
CA VAL A 392 -51.60 3.66 19.82
C VAL A 392 -50.08 3.70 19.80
N GLY A 393 -49.51 4.54 18.96
CA GLY A 393 -48.08 4.79 18.98
C GLY A 393 -47.39 4.14 17.79
N ARG A 394 -46.09 4.39 17.72
CA ARG A 394 -45.26 4.04 16.58
C ARG A 394 -43.92 3.54 17.11
N GLU A 395 -43.26 2.69 16.32
CA GLU A 395 -42.01 2.09 16.79
C GLU A 395 -41.19 1.67 15.58
N PRO A 396 -39.86 1.66 15.70
CA PRO A 396 -39.02 1.15 14.62
C PRO A 396 -38.85 -0.36 14.77
N GLN A 397 -38.34 -0.97 13.73
CA GLN A 397 -38.04 -2.40 13.78
C GLN A 397 -36.62 -2.59 13.25
N LEU A 398 -35.65 -2.13 14.04
CA LEU A 398 -34.28 -2.06 13.56
C LEU A 398 -33.64 -3.44 13.39
N SER A 399 -34.21 -4.49 13.98
CA SER A 399 -33.71 -5.84 13.72
C SER A 399 -33.84 -6.23 12.24
N LYS A 400 -34.76 -5.62 11.50
CA LYS A 400 -34.91 -5.81 10.06
C LYS A 400 -33.96 -4.95 9.24
N VAL A 401 -33.16 -4.12 9.90
CA VAL A 401 -32.26 -3.20 9.23
C VAL A 401 -30.80 -3.44 9.61
N LEU A 402 -30.56 -4.10 10.74
CA LEU A 402 -29.31 -3.95 11.45
C LEU A 402 -28.94 -5.28 12.07
N CYS A 403 -27.99 -6.00 11.48
CA CYS A 403 -27.48 -7.20 12.12
C CYS A 403 -26.85 -6.85 13.45
N GLU A 404 -27.23 -7.60 14.49
CA GLU A 404 -26.76 -7.31 15.84
C GLU A 404 -25.24 -7.36 15.94
N THR A 405 -24.58 -8.11 15.05
CA THR A 405 -23.13 -8.23 15.08
C THR A 405 -22.40 -7.02 14.52
N VAL A 406 -23.11 -6.07 13.90
CA VAL A 406 -22.43 -4.87 13.44
C VAL A 406 -21.88 -4.09 14.63
N GLY A 407 -22.58 -4.10 15.76
CA GLY A 407 -22.13 -3.37 16.94
C GLY A 407 -22.82 -2.04 17.21
N VAL A 408 -23.97 -1.78 16.59
CA VAL A 408 -24.69 -0.53 16.80
C VAL A 408 -25.56 -0.67 18.04
N LYS A 409 -25.28 0.12 19.07
CA LYS A 409 -26.00 0.06 20.34
C LYS A 409 -27.41 0.63 20.23
N LEU A 410 -28.37 -0.06 20.83
CA LEU A 410 -29.74 0.40 20.93
C LEU A 410 -30.13 0.62 22.39
N ASP A 411 -31.18 1.41 22.60
CA ASP A 411 -31.71 1.62 23.95
C ASP A 411 -32.88 0.64 24.20
N LYS A 412 -33.58 0.83 25.33
CA LYS A 412 -34.69 -0.04 25.74
C LYS A 412 -35.79 -0.11 24.69
N ASN A 413 -36.08 1.01 24.03
CA ASN A 413 -37.18 1.11 23.07
C ASN A 413 -36.79 0.72 21.65
N GLY A 414 -35.57 0.26 21.43
CA GLY A 414 -35.17 -0.13 20.09
C GLY A 414 -34.64 1.00 19.22
N ARG A 415 -34.40 2.18 19.80
CA ARG A 415 -33.88 3.31 19.05
C ARG A 415 -32.35 3.34 19.19
N VAL A 416 -31.69 4.14 18.35
CA VAL A 416 -30.23 4.12 18.25
C VAL A 416 -29.63 5.18 19.18
N VAL A 417 -28.63 4.78 19.98
CA VAL A 417 -27.98 5.69 20.91
C VAL A 417 -26.88 6.44 20.18
N CYS A 418 -26.99 7.76 20.12
CA CYS A 418 -26.06 8.59 19.35
C CYS A 418 -25.43 9.65 20.23
N THR A 419 -24.23 10.06 19.82
CA THR A 419 -23.60 11.25 20.37
C THR A 419 -24.28 12.49 19.81
N ASP A 420 -23.91 13.65 20.35
CA ASP A 420 -24.58 14.87 19.91
C ASP A 420 -24.24 15.26 18.47
N ASP A 421 -23.43 14.46 17.76
CA ASP A 421 -23.17 14.67 16.35
C ASP A 421 -23.72 13.51 15.52
N GLU A 422 -24.73 12.82 16.05
CA GLU A 422 -25.48 11.75 15.39
C GLU A 422 -24.67 10.46 15.19
N GLN A 423 -23.45 10.38 15.73
CA GLN A 423 -22.63 9.18 15.57
C GLN A 423 -23.09 8.04 16.49
N THR A 424 -23.23 6.83 15.93
CA THR A 424 -23.49 5.61 16.70
C THR A 424 -22.20 5.07 17.33
N THR A 425 -22.30 3.90 17.97
CA THR A 425 -21.14 3.25 18.57
C THR A 425 -20.19 2.64 17.52
N VAL A 426 -20.56 2.65 16.24
CA VAL A 426 -19.67 2.28 15.14
C VAL A 426 -19.23 3.56 14.43
N SER A 427 -17.91 3.74 14.27
CA SER A 427 -17.36 5.08 14.05
C SER A 427 -17.81 5.71 12.74
N ASN A 428 -18.13 4.90 11.72
CA ASN A 428 -18.51 5.41 10.41
C ASN A 428 -20.03 5.38 10.17
N VAL A 429 -20.82 4.94 11.15
CA VAL A 429 -22.27 4.84 11.01
C VAL A 429 -22.95 5.91 11.85
N TYR A 430 -23.97 6.56 11.28
CA TYR A 430 -24.71 7.60 11.98
C TYR A 430 -26.19 7.28 11.87
N ALA A 431 -26.99 7.98 12.69
CA ALA A 431 -28.45 7.83 12.71
C ALA A 431 -29.10 9.19 12.84
N ILE A 432 -30.24 9.38 12.14
CA ILE A 432 -31.00 10.63 12.17
C ILE A 432 -32.49 10.35 12.12
N GLY A 433 -33.27 11.34 12.54
CA GLY A 433 -34.72 11.25 12.44
C GLY A 433 -35.36 10.55 13.62
N ASP A 434 -36.48 9.86 13.39
CA ASP A 434 -37.26 9.26 14.48
C ASP A 434 -36.54 8.12 15.20
N ILE A 435 -35.57 7.44 14.58
CA ILE A 435 -34.87 6.36 15.27
C ILE A 435 -33.74 6.85 16.16
N ASN A 436 -33.42 8.14 16.13
CA ASN A 436 -32.37 8.70 16.98
C ASN A 436 -32.94 8.88 18.39
N ALA A 437 -32.51 8.04 19.34
CA ALA A 437 -33.10 7.99 20.67
C ALA A 437 -33.09 9.36 21.36
N GLY A 438 -34.22 9.68 22.01
CA GLY A 438 -34.35 10.87 22.82
C GLY A 438 -34.59 12.18 22.08
N LYS A 439 -34.57 12.19 20.75
CA LYS A 439 -34.79 13.41 19.98
C LYS A 439 -36.27 13.59 19.67
N PRO A 440 -36.71 14.85 19.53
CA PRO A 440 -38.08 15.10 19.07
C PRO A 440 -38.30 14.48 17.70
N GLN A 441 -39.44 13.82 17.55
CA GLN A 441 -39.75 13.04 16.36
C GLN A 441 -40.59 13.92 15.42
N LEU A 442 -39.89 14.74 14.64
CA LEU A 442 -40.55 15.76 13.83
C LEU A 442 -39.82 15.91 12.50
N THR A 443 -40.57 16.27 11.46
CA THR A 443 -39.96 16.33 10.14
C THR A 443 -38.89 17.43 10.03
N PRO A 444 -39.11 18.67 10.48
CA PRO A 444 -38.04 19.68 10.33
C PRO A 444 -36.80 19.38 11.15
N VAL A 445 -36.95 18.67 12.27
CA VAL A 445 -35.80 18.23 13.04
C VAL A 445 -34.95 17.25 12.22
N ALA A 446 -35.62 16.28 11.61
CA ALA A 446 -34.93 15.26 10.81
C ALA A 446 -34.25 15.87 9.57
N ILE A 447 -34.84 16.90 8.98
CA ILE A 447 -34.22 17.56 7.83
C ILE A 447 -32.98 18.36 8.27
N GLN A 448 -33.10 19.15 9.35
CA GLN A 448 -31.95 19.92 9.81
C GLN A 448 -30.80 19.02 10.28
N ALA A 449 -31.13 17.94 11.00
CA ALA A 449 -30.09 17.00 11.39
C ALA A 449 -29.38 16.42 10.17
N GLY A 450 -30.15 16.08 9.14
CA GLY A 450 -29.57 15.42 7.98
C GLY A 450 -28.69 16.33 7.15
N ARG A 451 -29.11 17.58 6.96
CA ARG A 451 -28.31 18.51 6.15
C ARG A 451 -27.04 18.92 6.90
N TYR A 452 -27.15 19.16 8.21
CA TYR A 452 -25.98 19.60 8.99
C TYR A 452 -24.94 18.48 9.06
N LEU A 453 -25.38 17.23 9.26
CA LEU A 453 -24.46 16.09 9.27
C LEU A 453 -23.72 15.96 7.94
N ALA A 454 -24.43 16.06 6.81
CA ALA A 454 -23.77 16.00 5.51
C ALA A 454 -22.71 17.07 5.35
N ARG A 455 -22.95 18.26 5.88
CA ARG A 455 -21.93 19.30 5.80
C ARG A 455 -20.74 18.99 6.70
N ARG A 456 -20.97 18.37 7.86
CA ARG A 456 -19.84 17.96 8.70
C ARG A 456 -19.02 16.83 8.04
N LEU A 457 -19.69 15.85 7.42
CA LEU A 457 -18.95 14.72 6.85
C LEU A 457 -18.13 15.12 5.62
N PHE A 458 -18.66 16.00 4.77
CA PHE A 458 -18.08 16.18 3.45
C PHE A 458 -17.65 17.61 3.12
N ALA A 459 -17.93 18.59 4.00
CA ALA A 459 -17.49 19.95 3.74
C ALA A 459 -16.71 20.56 4.92
N GLY A 460 -16.30 19.75 5.90
CA GLY A 460 -15.55 20.32 7.00
C GLY A 460 -16.32 21.26 7.91
N ALA A 461 -17.64 21.28 7.80
CA ALA A 461 -18.46 22.08 8.71
C ALA A 461 -18.29 21.56 10.13
N THR A 462 -18.65 22.40 11.10
CA THR A 462 -18.67 21.96 12.49
C THR A 462 -19.99 22.17 13.20
N GLU A 463 -20.94 22.88 12.58
CA GLU A 463 -22.19 23.22 13.25
C GLU A 463 -22.98 21.96 13.62
N LEU A 464 -23.52 21.96 14.83
CA LEU A 464 -24.36 20.88 15.33
C LEU A 464 -25.83 21.27 15.26
N THR A 465 -26.68 20.25 15.26
CA THR A 465 -28.12 20.44 15.38
C THR A 465 -28.51 20.71 16.83
N ASP A 466 -29.30 21.77 17.05
CA ASP A 466 -29.79 22.13 18.38
C ASP A 466 -31.20 21.58 18.54
N TYR A 467 -31.36 20.62 19.46
CA TYR A 467 -32.62 19.95 19.70
C TYR A 467 -33.44 20.56 20.86
N SER A 468 -33.00 21.67 21.44
CA SER A 468 -33.72 22.22 22.59
C SER A 468 -34.82 23.20 22.15
N ASN A 469 -35.95 23.16 22.85
CA ASN A 469 -37.04 24.13 22.68
C ASN A 469 -37.55 24.18 21.23
N VAL A 470 -37.70 23.02 20.60
CA VAL A 470 -38.32 22.95 19.27
C VAL A 470 -39.84 23.09 19.43
N ALA A 471 -40.43 24.01 18.66
CA ALA A 471 -41.86 24.29 18.77
C ALA A 471 -42.69 23.24 18.02
N THR A 472 -43.95 23.08 18.46
CA THR A 472 -44.86 22.08 17.94
C THR A 472 -46.21 22.72 17.65
N THR A 473 -47.00 22.05 16.83
CA THR A 473 -48.39 22.41 16.68
C THR A 473 -49.21 21.14 16.48
N VAL A 474 -50.23 20.97 17.32
CA VAL A 474 -51.21 19.91 17.16
C VAL A 474 -52.39 20.44 16.37
N PHE A 475 -52.65 19.85 15.21
CA PHE A 475 -53.61 20.43 14.27
C PHE A 475 -55.02 19.88 14.49
N THR A 476 -55.47 19.96 15.75
CA THR A 476 -56.84 19.59 16.12
C THR A 476 -57.81 20.68 15.60
N PRO A 477 -59.13 20.44 15.62
CA PRO A 477 -60.04 21.43 15.00
C PRO A 477 -59.84 22.86 15.49
N LEU A 478 -59.58 23.06 16.78
CA LEU A 478 -58.93 24.27 17.27
C LEU A 478 -57.49 23.89 17.58
N GLU A 479 -56.54 24.58 16.94
CA GLU A 479 -55.15 24.18 16.95
C GLU A 479 -54.46 24.57 18.24
N TYR A 480 -53.35 23.88 18.53
CA TYR A 480 -52.63 24.07 19.79
C TYR A 480 -51.14 24.11 19.48
N GLY A 481 -50.53 25.29 19.66
CA GLY A 481 -49.11 25.48 19.38
C GLY A 481 -48.36 25.70 20.67
N ALA A 482 -47.07 25.29 20.69
CA ALA A 482 -46.29 25.40 21.93
C ALA A 482 -44.81 25.51 21.62
N CYS A 483 -44.08 26.21 22.48
CA CYS A 483 -42.62 26.20 22.46
C CYS A 483 -42.08 26.19 23.89
N GLY A 484 -41.32 25.15 24.24
CA GLY A 484 -40.72 25.05 25.56
C GLY A 484 -41.44 24.13 26.53
N LEU A 485 -41.34 24.44 27.82
CA LEU A 485 -41.81 23.54 28.87
C LEU A 485 -43.30 23.70 29.11
N SER A 486 -43.96 22.59 29.41
CA SER A 486 -45.30 22.64 30.00
C SER A 486 -45.24 23.30 31.38
N GLU A 487 -46.41 23.72 31.86
CA GLU A 487 -46.44 24.36 33.17
C GLU A 487 -46.05 23.37 34.27
N GLU A 488 -46.61 22.15 34.25
CA GLU A 488 -46.26 21.17 35.28
C GLU A 488 -44.78 20.79 35.21
N ASP A 489 -44.19 20.75 34.02
CA ASP A 489 -42.76 20.45 33.93
C ASP A 489 -41.92 21.56 34.56
N ALA A 490 -42.31 22.83 34.33
CA ALA A 490 -41.55 23.94 34.88
C ALA A 490 -41.62 23.96 36.40
N ILE A 491 -42.79 23.64 36.96
CA ILE A 491 -42.94 23.61 38.41
C ILE A 491 -42.12 22.46 39.01
N GLU A 492 -42.22 21.26 38.43
CA GLU A 492 -41.37 20.14 38.85
C GLU A 492 -39.90 20.50 38.93
N LYS A 493 -39.41 21.27 37.95
CA LYS A 493 -37.97 21.51 37.81
C LYS A 493 -37.45 22.63 38.71
N TYR A 494 -38.26 23.64 38.99
CA TYR A 494 -37.79 24.81 39.72
C TYR A 494 -38.55 25.11 40.99
N GLY A 495 -39.73 24.54 41.17
CA GLY A 495 -40.57 24.76 42.33
C GLY A 495 -41.63 25.82 42.08
N ASP A 496 -42.78 25.64 42.72
CA ASP A 496 -43.93 26.54 42.50
C ASP A 496 -43.60 27.99 42.83
N LYS A 497 -42.71 28.22 43.78
CA LYS A 497 -42.46 29.58 44.25
C LYS A 497 -41.66 30.40 43.25
N ASP A 498 -40.98 29.73 42.30
CA ASP A 498 -40.11 30.36 41.32
C ASP A 498 -40.74 30.47 39.93
N ILE A 499 -42.01 30.08 39.78
CA ILE A 499 -42.68 30.05 38.48
C ILE A 499 -43.86 31.00 38.51
N GLU A 500 -43.92 31.90 37.52
CA GLU A 500 -45.07 32.78 37.34
C GLU A 500 -45.71 32.53 35.97
N VAL A 501 -47.04 32.56 35.94
CA VAL A 501 -47.80 32.25 34.73
C VAL A 501 -48.70 33.43 34.41
N TYR A 502 -48.46 34.03 33.25
CA TYR A 502 -49.35 35.06 32.72
C TYR A 502 -50.27 34.42 31.69
N HIS A 503 -51.57 34.75 31.73
CA HIS A 503 -52.50 34.07 30.83
C HIS A 503 -53.68 34.99 30.52
N SER A 504 -54.36 34.67 29.43
CA SER A 504 -55.55 35.41 29.01
C SER A 504 -56.35 34.54 28.06
N ASN A 505 -57.67 34.65 28.13
CA ASN A 505 -58.51 34.25 27.02
C ASN A 505 -58.43 35.31 25.92
N PHE A 506 -58.92 34.95 24.73
CA PHE A 506 -59.14 35.93 23.67
C PHE A 506 -60.20 35.40 22.71
N LYS A 507 -60.63 36.30 21.81
CA LYS A 507 -61.62 35.99 20.79
C LYS A 507 -61.12 36.54 19.47
N PRO A 508 -60.93 35.71 18.45
CA PRO A 508 -60.51 36.23 17.15
C PRO A 508 -61.54 37.21 16.63
N LEU A 509 -61.08 38.28 15.98
CA LEU A 509 -62.04 39.24 15.43
C LEU A 509 -62.94 38.57 14.38
N GLU A 510 -62.39 37.60 13.64
CA GLU A 510 -63.18 36.85 12.66
C GLU A 510 -64.36 36.11 13.30
N TRP A 511 -64.27 35.79 14.60
CA TRP A 511 -65.34 35.05 15.28
C TRP A 511 -66.48 35.96 15.75
N THR A 512 -66.31 37.27 15.77
CA THR A 512 -67.35 38.16 16.28
C THR A 512 -68.61 38.06 15.42
N VAL A 513 -68.54 38.54 14.17
CA VAL A 513 -69.71 38.57 13.31
C VAL A 513 -70.30 37.18 13.10
N ALA A 514 -69.47 36.13 13.15
CA ALA A 514 -69.95 34.76 12.97
C ALA A 514 -70.58 34.15 14.23
N HIS A 515 -70.62 34.90 15.34
CA HIS A 515 -71.27 34.47 16.59
C HIS A 515 -70.64 33.19 17.17
N ARG A 516 -69.30 33.18 17.25
CA ARG A 516 -68.59 32.05 17.84
C ARG A 516 -68.23 32.37 19.30
N GLU A 517 -67.55 31.43 19.95
CA GLU A 517 -67.48 31.42 21.40
C GLU A 517 -66.59 32.55 21.94
N ASP A 518 -66.99 33.08 23.10
CA ASP A 518 -66.34 34.28 23.65
C ASP A 518 -65.01 33.97 24.35
N ASN A 519 -64.94 32.88 25.11
CA ASN A 519 -63.77 32.68 25.97
C ASN A 519 -63.26 31.24 25.87
N VAL A 520 -63.03 30.77 24.65
CA VAL A 520 -62.48 29.43 24.44
C VAL A 520 -61.00 29.50 24.08
N CYS A 521 -60.61 30.38 23.16
CA CYS A 521 -59.19 30.51 22.82
C CYS A 521 -58.44 31.02 24.04
N TYR A 522 -57.17 30.62 24.15
CA TYR A 522 -56.44 30.75 25.40
C TYR A 522 -54.94 30.79 25.13
N MET A 523 -54.19 31.59 25.90
CA MET A 523 -52.74 31.54 25.78
C MET A 523 -52.12 31.84 27.14
N LYS A 524 -50.93 31.29 27.36
CA LYS A 524 -50.18 31.60 28.57
C LYS A 524 -48.69 31.63 28.27
N LEU A 525 -47.95 32.38 29.11
CA LEU A 525 -46.50 32.36 29.18
C LEU A 525 -46.07 31.87 30.56
N VAL A 526 -45.16 30.90 30.60
CA VAL A 526 -44.69 30.29 31.84
C VAL A 526 -43.27 30.80 32.10
N CYS A 527 -43.08 31.54 33.19
CA CYS A 527 -41.85 32.29 33.42
C CYS A 527 -41.13 31.91 34.71
N ARG A 528 -39.82 32.17 34.73
CA ARG A 528 -38.99 31.90 35.91
C ARG A 528 -38.66 33.21 36.62
N LYS A 529 -39.17 33.36 37.85
CA LYS A 529 -38.97 34.59 38.60
C LYS A 529 -37.49 34.89 38.82
N SER A 530 -36.72 33.90 39.28
CA SER A 530 -35.33 34.18 39.66
C SER A 530 -34.41 34.42 38.46
N ASP A 531 -34.82 34.02 37.25
CA ASP A 531 -33.99 34.29 36.08
C ASP A 531 -34.61 35.42 35.27
N ASN A 532 -34.90 36.53 35.94
CA ASN A 532 -35.33 37.75 35.27
C ASN A 532 -36.64 37.57 34.49
N MET A 533 -37.50 36.67 34.97
CA MET A 533 -38.79 36.37 34.34
C MET A 533 -38.62 35.80 32.94
N ARG A 534 -37.60 34.94 32.79
CA ARG A 534 -37.33 34.25 31.53
C ARG A 534 -38.53 33.41 31.12
N VAL A 535 -38.90 33.49 29.84
CA VAL A 535 -40.01 32.68 29.31
C VAL A 535 -39.51 31.25 29.14
N LEU A 536 -40.05 30.33 29.97
CA LEU A 536 -39.72 28.91 29.93
C LEU A 536 -40.56 28.14 28.91
N GLY A 537 -41.83 28.51 28.73
CA GLY A 537 -42.67 27.89 27.73
C GLY A 537 -43.76 28.84 27.31
N LEU A 538 -44.17 28.73 26.05
CA LEU A 538 -45.26 29.48 25.46
C LEU A 538 -46.34 28.51 24.98
N HIS A 539 -47.62 28.88 25.16
CA HIS A 539 -48.73 28.01 24.80
C HIS A 539 -49.88 28.82 24.23
N VAL A 540 -50.50 28.35 23.15
CA VAL A 540 -51.63 29.07 22.56
C VAL A 540 -52.58 28.06 21.92
N LEU A 541 -53.87 28.21 22.21
CA LEU A 541 -54.95 27.43 21.62
C LEU A 541 -55.80 28.37 20.78
N GLY A 542 -55.94 28.10 19.49
CA GLY A 542 -56.61 29.04 18.62
C GLY A 542 -56.32 28.82 17.15
N PRO A 543 -56.99 29.59 16.29
CA PRO A 543 -56.79 29.45 14.84
C PRO A 543 -55.37 29.81 14.44
N ASN A 544 -54.85 29.10 13.42
CA ASN A 544 -53.52 29.40 12.88
C ASN A 544 -52.42 29.35 13.95
N ALA A 545 -52.53 28.41 14.89
CA ALA A 545 -51.63 28.37 16.03
C ALA A 545 -50.18 28.22 15.61
N GLY A 546 -49.92 27.47 14.54
CA GLY A 546 -48.56 27.29 14.08
C GLY A 546 -47.97 28.56 13.49
N GLU A 547 -48.77 29.30 12.71
CA GLU A 547 -48.27 30.58 12.23
C GLU A 547 -47.99 31.52 13.40
N ILE A 548 -48.88 31.50 14.40
CA ILE A 548 -48.71 32.32 15.60
C ILE A 548 -47.41 31.97 16.31
N THR A 549 -47.20 30.68 16.60
CA THR A 549 -46.13 30.24 17.48
C THR A 549 -44.74 30.37 16.85
N GLN A 550 -44.63 30.09 15.55
CA GLN A 550 -43.31 29.93 14.93
C GLN A 550 -42.36 31.09 15.25
N GLY A 551 -42.81 32.32 15.04
CA GLY A 551 -41.92 33.45 15.25
C GLY A 551 -41.37 33.53 16.67
N TYR A 552 -42.20 33.24 17.67
CA TYR A 552 -41.73 33.33 19.06
C TYR A 552 -40.66 32.29 19.37
N ALA A 553 -40.56 31.22 18.58
CA ALA A 553 -39.53 30.22 18.80
C ALA A 553 -38.14 30.82 18.62
N VAL A 554 -37.98 31.79 17.71
CA VAL A 554 -36.70 32.48 17.59
C VAL A 554 -36.42 33.31 18.85
N ALA A 555 -37.42 33.99 19.38
CA ALA A 555 -37.18 34.78 20.58
C ALA A 555 -36.84 33.88 21.77
N ILE A 556 -37.50 32.73 21.88
CA ILE A 556 -37.20 31.83 22.98
C ILE A 556 -35.79 31.26 22.81
N LYS A 557 -35.41 30.93 21.58
CA LYS A 557 -34.05 30.48 21.31
C LYS A 557 -33.04 31.47 21.84
N MET A 558 -33.30 32.77 21.63
CA MET A 558 -32.42 33.85 22.04
C MET A 558 -32.50 34.18 23.54
N GLY A 559 -33.32 33.47 24.32
CA GLY A 559 -33.44 33.72 25.75
C GLY A 559 -34.40 34.82 26.17
N ALA A 560 -35.59 34.88 25.56
CA ALA A 560 -36.51 36.01 25.79
C ALA A 560 -37.10 35.98 27.19
N THR A 561 -37.34 37.18 27.74
CA THR A 561 -37.96 37.36 29.05
C THR A 561 -39.32 38.01 28.89
N LYS A 562 -40.07 38.08 30.00
CA LYS A 562 -41.35 38.80 29.96
C LYS A 562 -41.16 40.24 29.51
N ALA A 563 -40.03 40.86 29.89
CA ALA A 563 -39.82 42.27 29.56
C ALA A 563 -39.70 42.47 28.05
N ASP A 564 -39.09 41.52 27.36
CA ASP A 564 -38.99 41.59 25.90
C ASP A 564 -40.36 41.50 25.24
N PHE A 565 -41.23 40.63 25.75
CA PHE A 565 -42.60 40.58 25.24
C PHE A 565 -43.32 41.90 25.48
N ASP A 566 -43.16 42.48 26.67
CA ASP A 566 -43.84 43.73 27.01
C ASP A 566 -43.38 44.89 26.15
N ARG A 567 -42.08 44.98 25.86
CA ARG A 567 -41.59 46.17 25.15
C ARG A 567 -41.79 46.06 23.64
N THR A 568 -42.15 44.89 23.13
CA THR A 568 -42.53 44.75 21.72
C THR A 568 -44.00 45.15 21.54
N ILE A 569 -44.30 45.86 20.46
CA ILE A 569 -45.65 46.38 20.24
C ILE A 569 -46.43 45.37 19.40
N GLY A 570 -47.74 45.30 19.64
CA GLY A 570 -48.57 44.38 18.89
C GLY A 570 -48.92 44.85 17.47
N ILE A 571 -49.33 43.89 16.64
CA ILE A 571 -49.94 44.13 15.34
C ILE A 571 -51.45 43.96 15.49
N HIS A 572 -52.22 44.93 15.01
CA HIS A 572 -53.65 44.97 15.25
C HIS A 572 -54.40 45.10 13.93
N PRO A 573 -55.47 44.33 13.75
CA PRO A 573 -56.03 43.31 14.66
C PRO A 573 -55.50 41.90 14.34
N THR A 574 -54.84 41.22 15.30
CA THR A 574 -54.37 39.84 15.18
C THR A 574 -54.68 39.09 16.48
N CYS A 575 -54.72 37.75 16.40
CA CYS A 575 -54.77 36.96 17.62
C CYS A 575 -53.44 37.01 18.36
N SER A 576 -52.33 36.99 17.62
CA SER A 576 -51.01 36.86 18.23
C SER A 576 -50.61 38.08 19.05
N GLU A 577 -51.23 39.24 18.81
CA GLU A 577 -50.83 40.43 19.55
C GLU A 577 -51.18 40.32 21.04
N THR A 578 -52.03 39.36 21.41
CA THR A 578 -52.37 39.22 22.82
C THR A 578 -51.14 38.82 23.64
N PHE A 579 -50.16 38.17 23.04
CA PHE A 579 -48.92 37.87 23.75
C PHE A 579 -48.15 39.12 24.19
N THR A 580 -48.37 40.29 23.54
CA THR A 580 -47.55 41.46 23.85
C THR A 580 -48.10 42.30 25.00
N THR A 581 -49.29 41.99 25.53
CA THR A 581 -49.91 42.81 26.57
C THR A 581 -50.43 41.97 27.75
N LEU A 582 -49.83 40.82 27.99
CA LEU A 582 -50.32 39.94 29.04
C LEU A 582 -50.01 40.51 30.42
N HIS A 583 -50.95 40.37 31.36
CA HIS A 583 -50.73 40.95 32.68
C HIS A 583 -51.36 40.16 33.85
N VAL A 584 -52.35 39.32 33.62
CA VAL A 584 -52.98 38.59 34.73
C VAL A 584 -52.15 37.36 35.08
N THR A 585 -51.71 37.27 36.33
CA THR A 585 -51.00 36.09 36.82
C THR A 585 -51.99 35.08 37.40
N LYS A 586 -51.59 33.81 37.39
CA LYS A 586 -52.43 32.77 37.99
C LYS A 586 -52.50 32.91 39.51
N LYS A 587 -51.39 33.27 40.13
CA LYS A 587 -51.37 33.48 41.58
C LYS A 587 -52.33 34.58 42.00
N SER A 588 -52.52 35.59 41.15
CA SER A 588 -53.43 36.66 41.52
C SER A 588 -54.86 36.16 41.67
N GLY A 589 -55.19 35.03 41.04
CA GLY A 589 -56.56 34.56 41.06
C GLY A 589 -57.54 35.39 40.26
N VAL A 590 -57.09 36.41 39.54
CA VAL A 590 -58.01 37.18 38.70
C VAL A 590 -58.41 36.35 37.50
N SER A 591 -59.67 36.49 37.07
CA SER A 591 -60.15 35.73 35.92
C SER A 591 -59.43 36.16 34.64
N PRO A 592 -59.10 35.22 33.75
CA PRO A 592 -58.52 35.58 32.44
C PRO A 592 -59.53 35.85 31.33
N ILE A 593 -60.84 35.88 31.58
CA ILE A 593 -61.79 36.22 30.52
C ILE A 593 -61.63 37.69 30.16
N VAL A 594 -62.30 38.12 29.09
CA VAL A 594 -62.12 39.48 28.59
C VAL A 594 -63.42 40.28 28.47
N GLY B 7 75.17 -10.69 -3.32
CA GLY B 7 73.74 -10.41 -3.45
C GLY B 7 73.35 -10.07 -4.87
N THR B 8 74.01 -9.06 -5.44
CA THR B 8 73.85 -8.78 -6.86
C THR B 8 74.37 -9.95 -7.70
N SER B 9 75.49 -10.53 -7.29
CA SER B 9 76.04 -11.69 -7.98
C SER B 9 74.99 -12.78 -8.15
N GLN B 10 74.23 -13.08 -7.10
CA GLN B 10 73.31 -14.21 -7.13
C GLN B 10 72.07 -13.94 -7.96
N TRP B 11 71.65 -12.68 -8.09
CA TRP B 11 70.61 -12.35 -9.05
C TRP B 11 71.09 -12.60 -10.48
N LEU B 12 72.29 -12.11 -10.80
CA LEU B 12 72.80 -12.26 -12.17
C LEU B 12 72.97 -13.72 -12.54
N ARG B 13 73.38 -14.54 -11.56
CA ARG B 13 73.49 -15.98 -11.78
C ARG B 13 72.12 -16.57 -12.11
N LYS B 14 71.11 -16.25 -11.29
CA LYS B 14 69.76 -16.79 -11.47
C LYS B 14 69.17 -16.39 -12.82
N THR B 15 69.37 -15.13 -13.20
CA THR B 15 68.82 -14.63 -14.46
C THR B 15 69.45 -15.32 -15.66
N VAL B 16 70.77 -15.49 -15.64
CA VAL B 16 71.45 -16.05 -16.81
C VAL B 16 71.08 -17.51 -17.01
N ASP B 17 70.98 -18.29 -15.91
CA ASP B 17 70.69 -19.72 -16.08
C ASP B 17 69.24 -19.98 -16.49
N SER B 18 68.34 -19.05 -16.21
CA SER B 18 66.93 -19.27 -16.48
C SER B 18 66.46 -18.67 -17.79
N ALA B 19 66.99 -17.50 -18.18
CA ALA B 19 66.54 -16.86 -19.41
C ALA B 19 66.79 -17.74 -20.63
N ALA B 20 65.90 -17.61 -21.61
CA ALA B 20 66.06 -18.32 -22.88
C ALA B 20 67.03 -17.58 -23.81
N VAL B 21 66.76 -16.30 -24.05
CA VAL B 21 67.61 -15.43 -24.86
C VAL B 21 67.58 -14.06 -24.21
N ILE B 22 68.73 -13.58 -23.72
CA ILE B 22 68.78 -12.32 -22.97
C ILE B 22 69.97 -11.49 -23.41
N LEU B 23 69.73 -10.21 -23.64
CA LEU B 23 70.75 -9.24 -24.04
C LEU B 23 70.95 -8.24 -22.92
N PHE B 24 72.18 -8.15 -22.42
CA PHE B 24 72.57 -7.06 -21.52
C PHE B 24 73.07 -5.90 -22.36
N SER B 25 72.51 -4.71 -22.14
CA SER B 25 72.66 -3.60 -23.08
C SER B 25 72.78 -2.27 -22.35
N LYS B 26 72.91 -1.20 -23.15
CA LYS B 26 72.78 0.17 -22.69
C LYS B 26 72.07 0.97 -23.79
N THR B 27 71.22 1.91 -23.36
CA THR B 27 70.42 2.68 -24.31
C THR B 27 71.28 3.59 -25.16
N THR B 28 72.40 4.06 -24.62
CA THR B 28 73.25 5.00 -25.32
C THR B 28 74.12 4.33 -26.38
N CYS B 29 74.41 3.04 -26.23
CA CYS B 29 75.43 2.37 -27.03
C CYS B 29 74.92 2.04 -28.43
N PRO B 30 75.60 2.50 -29.49
CA PRO B 30 75.19 2.08 -30.85
C PRO B 30 75.60 0.67 -31.20
N TYR B 31 76.59 0.09 -30.50
CA TYR B 31 76.91 -1.31 -30.74
C TYR B 31 75.77 -2.22 -30.28
N CYS B 32 75.02 -1.81 -29.27
CA CYS B 32 73.85 -2.57 -28.84
C CYS B 32 72.72 -2.41 -29.85
N LYS B 33 72.43 -1.17 -30.26
CA LYS B 33 71.48 -0.91 -31.33
C LYS B 33 71.77 -1.80 -32.53
N LYS B 34 73.05 -1.95 -32.87
CA LYS B 34 73.43 -2.80 -33.99
C LYS B 34 73.01 -4.25 -33.75
N VAL B 35 73.09 -4.72 -32.50
CA VAL B 35 72.76 -6.11 -32.22
C VAL B 35 71.25 -6.29 -32.07
N LYS B 36 70.57 -5.32 -31.46
CA LYS B 36 69.11 -5.39 -31.38
C LYS B 36 68.49 -5.54 -32.75
N ASP B 37 68.94 -4.71 -33.71
CA ASP B 37 68.35 -4.71 -35.05
C ASP B 37 68.57 -6.05 -35.75
N VAL B 38 69.76 -6.62 -35.61
CA VAL B 38 70.04 -7.92 -36.21
C VAL B 38 69.08 -8.98 -35.67
N LEU B 39 68.80 -8.94 -34.36
CA LEU B 39 67.88 -9.90 -33.78
C LEU B 39 66.44 -9.64 -34.23
N ALA B 40 66.04 -8.37 -34.31
CA ALA B 40 64.70 -8.05 -34.79
C ALA B 40 64.50 -8.52 -36.22
N GLU B 41 65.50 -8.30 -37.08
CA GLU B 41 65.40 -8.74 -38.48
C GLU B 41 65.30 -10.25 -38.57
N ALA B 42 66.15 -10.96 -37.82
CA ALA B 42 66.08 -12.42 -37.82
C ALA B 42 64.88 -12.94 -37.06
N LYS B 43 64.05 -12.04 -36.50
CA LYS B 43 62.84 -12.43 -35.78
C LYS B 43 63.15 -13.34 -34.60
N ILE B 44 64.21 -13.01 -33.85
CA ILE B 44 64.54 -13.69 -32.61
C ILE B 44 64.03 -12.83 -31.45
N LYS B 45 63.13 -13.40 -30.65
CA LYS B 45 62.63 -12.73 -29.46
C LYS B 45 63.58 -12.98 -28.29
N HIS B 46 63.67 -12.00 -27.40
CA HIS B 46 64.64 -12.02 -26.32
C HIS B 46 64.29 -10.96 -25.30
N ALA B 47 64.69 -11.20 -24.05
CA ALA B 47 64.62 -10.18 -23.03
C ALA B 47 65.80 -9.21 -23.18
N THR B 48 65.67 -8.04 -22.57
CA THR B 48 66.76 -7.05 -22.61
C THR B 48 66.84 -6.35 -21.26
N ILE B 49 68.04 -6.30 -20.69
CA ILE B 49 68.29 -5.61 -19.44
C ILE B 49 69.15 -4.39 -19.77
N GLU B 50 68.58 -3.20 -19.67
CA GLU B 50 69.31 -1.96 -19.94
C GLU B 50 70.06 -1.57 -18.66
N LEU B 51 71.38 -1.77 -18.66
CA LEU B 51 72.18 -1.56 -17.46
C LEU B 51 72.29 -0.08 -17.07
N ASP B 52 72.20 0.84 -18.05
CA ASP B 52 72.25 2.26 -17.73
C ASP B 52 70.94 2.78 -17.14
N GLN B 53 70.00 1.90 -16.82
CA GLN B 53 68.73 2.26 -16.19
C GLN B 53 68.47 1.38 -14.97
N LEU B 54 69.53 1.06 -14.22
CA LEU B 54 69.36 0.29 -12.99
C LEU B 54 70.20 0.92 -11.89
N SER B 55 69.80 0.66 -10.65
CA SER B 55 70.51 1.20 -9.50
C SER B 55 72.00 0.87 -9.59
N ASN B 56 72.34 -0.41 -9.55
CA ASN B 56 73.75 -0.78 -9.60
C ASN B 56 74.11 -1.46 -10.91
N GLY B 57 73.70 -0.85 -12.04
CA GLY B 57 74.09 -1.38 -13.33
C GLY B 57 75.60 -1.47 -13.53
N SER B 58 76.36 -0.61 -12.84
CA SER B 58 77.82 -0.68 -12.92
C SER B 58 78.36 -1.92 -12.23
N ALA B 59 77.67 -2.41 -11.20
CA ALA B 59 78.11 -3.62 -10.52
C ALA B 59 77.84 -4.87 -11.35
N ILE B 60 76.71 -4.90 -12.07
CA ILE B 60 76.40 -6.05 -12.92
C ILE B 60 77.41 -6.16 -14.05
N GLN B 61 77.77 -5.02 -14.66
CA GLN B 61 78.79 -4.98 -15.70
C GLN B 61 80.02 -5.77 -15.28
N LYS B 62 80.53 -5.49 -14.07
CA LYS B 62 81.70 -6.21 -13.57
C LYS B 62 81.40 -7.68 -13.29
N CYS B 63 80.19 -7.96 -12.80
CA CYS B 63 79.84 -9.34 -12.47
C CYS B 63 79.64 -10.19 -13.73
N LEU B 64 79.18 -9.58 -14.83
CA LEU B 64 79.00 -10.33 -16.08
C LEU B 64 80.28 -11.03 -16.49
N ALA B 65 81.44 -10.49 -16.11
CA ALA B 65 82.73 -11.07 -16.51
C ALA B 65 82.91 -12.49 -16.00
N SER B 66 82.28 -12.82 -14.87
CA SER B 66 82.37 -14.18 -14.34
C SER B 66 81.86 -15.22 -15.34
N PHE B 67 80.97 -14.85 -16.24
CA PHE B 67 80.43 -15.77 -17.24
C PHE B 67 81.10 -15.62 -18.59
N SER B 68 81.53 -14.40 -18.95
CA SER B 68 81.99 -14.08 -20.30
C SER B 68 83.44 -13.68 -20.40
N LYS B 69 84.08 -13.34 -19.28
CA LYS B 69 85.46 -12.84 -19.21
C LYS B 69 85.62 -11.45 -19.83
N ILE B 70 84.54 -10.81 -20.29
CA ILE B 70 84.58 -9.43 -20.74
C ILE B 70 83.72 -8.58 -19.80
N GLU B 71 84.02 -7.28 -19.77
CA GLU B 71 83.33 -6.33 -18.90
C GLU B 71 82.52 -5.31 -19.69
N THR B 72 82.39 -5.49 -20.99
CA THR B 72 81.80 -4.50 -21.86
C THR B 72 80.40 -4.92 -22.29
N VAL B 73 79.73 -4.00 -22.98
CA VAL B 73 78.34 -4.14 -23.40
C VAL B 73 78.26 -3.92 -24.91
N PRO B 74 77.51 -4.73 -25.67
CA PRO B 74 76.52 -5.75 -25.27
C PRO B 74 77.08 -7.15 -25.04
N GLN B 75 76.35 -7.96 -24.28
CA GLN B 75 76.61 -9.39 -24.13
C GLN B 75 75.31 -10.14 -24.30
N MET B 76 75.34 -11.22 -25.09
CA MET B 76 74.15 -12.01 -25.38
C MET B 76 74.31 -13.42 -24.83
N PHE B 77 73.27 -13.93 -24.18
CA PHE B 77 73.28 -15.27 -23.61
C PHE B 77 72.13 -16.10 -24.18
N VAL B 78 72.31 -17.41 -24.26
CA VAL B 78 71.25 -18.32 -24.66
C VAL B 78 71.25 -19.47 -23.67
N ARG B 79 70.17 -19.58 -22.90
CA ARG B 79 69.93 -20.71 -22.00
C ARG B 79 71.12 -20.97 -21.08
N GLY B 80 71.70 -19.88 -20.56
CA GLY B 80 72.76 -19.96 -19.57
C GLY B 80 74.17 -19.82 -20.11
N LYS B 81 74.33 -19.81 -21.44
CA LYS B 81 75.63 -19.90 -22.08
C LYS B 81 75.94 -18.58 -22.80
N PHE B 82 77.12 -18.03 -22.55
CA PHE B 82 77.53 -16.81 -23.24
C PHE B 82 77.73 -17.10 -24.72
N ILE B 83 77.25 -16.18 -25.57
CA ILE B 83 77.24 -16.39 -27.01
C ILE B 83 78.21 -15.45 -27.73
N GLY B 84 78.33 -14.19 -27.30
CA GLY B 84 79.33 -13.33 -27.91
C GLY B 84 79.01 -11.86 -27.78
N ASP B 85 80.03 -11.05 -28.10
CA ASP B 85 79.88 -9.60 -28.19
C ASP B 85 79.37 -9.23 -29.59
N SER B 86 79.39 -7.92 -29.91
CA SER B 86 78.85 -7.45 -31.18
C SER B 86 79.42 -8.20 -32.38
N GLN B 87 80.75 -8.26 -32.50
CA GLN B 87 81.37 -8.91 -33.66
C GLN B 87 80.97 -10.39 -33.75
N THR B 88 80.95 -11.10 -32.61
CA THR B 88 80.71 -12.54 -32.65
C THR B 88 79.28 -12.87 -33.09
N VAL B 89 78.31 -12.07 -32.65
CA VAL B 89 76.93 -12.28 -33.08
C VAL B 89 76.78 -12.01 -34.57
N LEU B 90 77.41 -10.95 -35.06
CA LEU B 90 77.33 -10.67 -36.49
C LEU B 90 78.04 -11.74 -37.32
N LYS B 91 79.14 -12.30 -36.81
CA LYS B 91 79.79 -13.41 -37.50
C LYS B 91 78.87 -14.61 -37.62
N TYR B 92 78.16 -14.93 -36.54
CA TYR B 92 77.18 -16.02 -36.58
C TYR B 92 76.04 -15.71 -37.53
N TYR B 93 75.61 -14.45 -37.58
CA TYR B 93 74.51 -14.04 -38.45
C TYR B 93 74.90 -14.09 -39.92
N SER B 94 76.08 -13.56 -40.26
CA SER B 94 76.54 -13.55 -41.64
C SER B 94 76.81 -14.95 -42.16
N ASN B 95 77.18 -15.87 -41.29
CA ASN B 95 77.52 -17.24 -41.67
C ASN B 95 76.33 -18.18 -41.65
N ASP B 96 75.11 -17.69 -41.42
CA ASP B 96 73.94 -18.53 -41.22
C ASP B 96 74.25 -19.60 -40.16
N GLU B 97 74.64 -19.12 -38.98
CA GLU B 97 74.86 -19.98 -37.83
C GLU B 97 74.03 -19.56 -36.62
N LEU B 98 73.32 -18.42 -36.71
CA LEU B 98 72.65 -17.84 -35.55
C LEU B 98 71.40 -18.61 -35.17
N ALA B 99 70.61 -19.04 -36.17
CA ALA B 99 69.34 -19.70 -35.87
C ALA B 99 69.56 -20.98 -35.05
N GLY B 100 70.53 -21.80 -35.45
CA GLY B 100 70.77 -23.04 -34.74
C GLY B 100 71.32 -22.84 -33.34
N ILE B 101 72.04 -21.75 -33.12
CA ILE B 101 72.59 -21.48 -31.79
C ILE B 101 71.48 -21.10 -30.81
N VAL B 102 70.57 -20.21 -31.24
CA VAL B 102 69.51 -19.74 -30.35
C VAL B 102 68.40 -20.77 -30.16
N ASN B 103 68.33 -21.78 -31.03
CA ASN B 103 67.30 -22.80 -30.92
C ASN B 103 67.77 -24.04 -30.19
N GLU B 104 69.06 -24.17 -29.88
CA GLU B 104 69.53 -25.40 -29.27
C GLU B 104 69.24 -25.36 -27.77
N SER B 105 68.67 -26.45 -27.28
CA SER B 105 68.19 -26.53 -25.91
C SER B 105 68.28 -27.97 -25.44
N LYS B 106 68.48 -28.14 -24.13
CA LYS B 106 68.41 -29.47 -23.55
C LYS B 106 67.00 -30.05 -23.64
N TYR B 107 65.98 -29.21 -23.83
CA TYR B 107 64.60 -29.63 -23.75
C TYR B 107 63.84 -29.19 -24.98
N ASP B 108 62.70 -29.86 -25.20
CA ASP B 108 61.77 -29.46 -26.26
C ASP B 108 61.29 -28.03 -26.08
N TYR B 109 60.94 -27.66 -24.85
CA TYR B 109 60.40 -26.33 -24.58
C TYR B 109 61.12 -25.70 -23.40
N ASP B 110 61.19 -24.37 -23.43
CA ASP B 110 61.66 -23.65 -22.24
C ASP B 110 60.62 -23.70 -21.12
N LEU B 111 59.34 -23.70 -21.47
CA LEU B 111 58.27 -23.68 -20.49
C LEU B 111 57.11 -24.52 -21.01
N ILE B 112 56.60 -25.42 -20.16
CA ILE B 112 55.34 -26.10 -20.42
C ILE B 112 54.33 -25.66 -19.37
N VAL B 113 53.18 -25.16 -19.83
CA VAL B 113 52.07 -24.80 -18.95
C VAL B 113 51.01 -25.89 -19.03
N ILE B 114 50.71 -26.52 -17.90
CA ILE B 114 49.62 -27.49 -17.85
C ILE B 114 48.37 -26.76 -17.37
N GLY B 115 47.42 -26.55 -18.28
CA GLY B 115 46.16 -25.89 -17.97
C GLY B 115 46.00 -24.56 -18.69
N GLY B 116 45.00 -24.47 -19.57
CA GLY B 116 44.81 -23.26 -20.35
C GLY B 116 43.70 -22.34 -19.85
N GLY B 117 43.80 -21.92 -18.59
CA GLY B 117 42.81 -21.06 -17.96
C GLY B 117 43.32 -19.66 -17.65
N SER B 118 42.77 -19.01 -16.62
CA SER B 118 43.11 -17.62 -16.39
C SER B 118 44.61 -17.45 -16.13
N GLY B 119 45.16 -18.23 -15.20
CA GLY B 119 46.60 -18.13 -14.92
C GLY B 119 47.45 -18.66 -16.07
N GLY B 120 47.06 -19.83 -16.60
CA GLY B 120 47.92 -20.50 -17.58
C GLY B 120 48.12 -19.70 -18.85
N LEU B 121 47.03 -19.24 -19.47
CA LEU B 121 47.18 -18.41 -20.67
C LEU B 121 47.96 -17.14 -20.39
N ALA B 122 47.77 -16.54 -19.20
CA ALA B 122 48.51 -15.32 -18.90
C ALA B 122 50.01 -15.59 -18.78
N ALA B 123 50.39 -16.68 -18.09
CA ALA B 123 51.80 -17.04 -17.99
C ALA B 123 52.41 -17.34 -19.35
N GLY B 124 51.72 -18.12 -20.18
CA GLY B 124 52.31 -18.54 -21.45
C GLY B 124 52.56 -17.39 -22.41
N LYS B 125 51.58 -16.49 -22.56
CA LYS B 125 51.76 -15.34 -23.45
C LYS B 125 52.92 -14.48 -22.98
N GLU B 126 52.98 -14.20 -21.68
CA GLU B 126 54.03 -13.34 -21.16
C GLU B 126 55.42 -13.98 -21.34
N ALA B 127 55.53 -15.29 -21.09
CA ALA B 127 56.83 -15.94 -21.27
C ALA B 127 57.31 -15.85 -22.72
N ALA B 128 56.40 -16.06 -23.67
CA ALA B 128 56.76 -15.98 -25.08
C ALA B 128 57.25 -14.60 -25.51
N LYS B 129 56.89 -13.53 -24.79
CA LYS B 129 57.36 -12.21 -25.20
C LYS B 129 58.87 -12.10 -25.09
N TYR B 130 59.47 -12.81 -24.14
CA TYR B 130 60.90 -12.70 -23.85
C TYR B 130 61.71 -13.81 -24.48
N GLY B 131 61.15 -14.50 -25.47
CA GLY B 131 61.93 -15.47 -26.23
C GLY B 131 61.83 -16.89 -25.76
N ALA B 132 61.05 -17.18 -24.72
CA ALA B 132 60.91 -18.54 -24.24
C ALA B 132 60.05 -19.37 -25.20
N LYS B 133 60.54 -20.55 -25.55
CA LYS B 133 59.77 -21.48 -26.37
C LYS B 133 58.73 -22.15 -25.48
N THR B 134 57.46 -21.94 -25.78
CA THR B 134 56.41 -22.22 -24.82
C THR B 134 55.34 -23.12 -25.39
N ALA B 135 54.93 -24.12 -24.60
CA ALA B 135 53.74 -24.91 -24.89
C ALA B 135 52.69 -24.65 -23.82
N VAL B 136 51.44 -24.56 -24.25
CA VAL B 136 50.30 -24.47 -23.34
C VAL B 136 49.37 -25.64 -23.64
N LEU B 137 49.05 -26.42 -22.63
CA LEU B 137 48.20 -27.60 -22.77
C LEU B 137 46.86 -27.30 -22.10
N ASP B 138 45.76 -27.62 -22.78
CA ASP B 138 44.45 -27.50 -22.15
C ASP B 138 43.53 -28.60 -22.64
N TYR B 139 42.76 -29.16 -21.71
CA TYR B 139 41.78 -30.19 -21.99
C TYR B 139 40.64 -29.98 -21.01
N VAL B 140 39.40 -30.19 -21.47
CA VAL B 140 38.23 -30.02 -20.64
C VAL B 140 37.56 -31.38 -20.49
N GLU B 141 37.82 -32.04 -19.37
CA GLU B 141 37.14 -33.29 -19.04
C GLU B 141 35.64 -33.04 -18.88
N PRO B 142 34.78 -33.83 -19.54
CA PRO B 142 33.34 -33.56 -19.50
C PRO B 142 32.70 -33.75 -18.13
N THR B 143 31.61 -32.99 -17.91
CA THR B 143 30.74 -33.20 -16.77
C THR B 143 30.06 -34.56 -16.90
N PRO B 144 29.43 -35.05 -15.83
CA PRO B 144 28.73 -36.35 -15.92
C PRO B 144 27.65 -36.44 -17.00
N ILE B 145 26.96 -35.35 -17.33
CA ILE B 145 26.01 -35.43 -18.43
C ILE B 145 26.69 -35.12 -19.77
N GLY B 146 28.01 -34.89 -19.77
CA GLY B 146 28.77 -34.70 -21.00
C GLY B 146 29.08 -33.27 -21.44
N THR B 147 28.76 -32.26 -20.63
CA THR B 147 29.01 -30.88 -21.03
C THR B 147 30.51 -30.65 -21.23
N THR B 148 30.84 -29.83 -22.23
CA THR B 148 32.23 -29.50 -22.56
C THR B 148 32.28 -28.11 -23.20
N TRP B 149 33.47 -27.49 -23.20
CA TRP B 149 33.66 -26.13 -23.73
C TRP B 149 35.10 -25.96 -24.23
N GLY B 150 35.40 -24.74 -24.72
CA GLY B 150 36.65 -24.47 -25.40
C GLY B 150 37.71 -23.84 -24.52
N LEU B 151 38.76 -23.35 -25.17
CA LEU B 151 39.91 -22.76 -24.48
C LEU B 151 39.53 -21.55 -23.64
N GLY B 152 40.20 -21.39 -22.50
CA GLY B 152 40.02 -20.20 -21.69
C GLY B 152 39.86 -20.42 -20.20
N GLY B 153 39.44 -21.60 -19.80
CA GLY B 153 39.34 -21.91 -18.38
C GLY B 153 37.97 -21.67 -17.78
N THR B 154 37.92 -21.77 -16.45
CA THR B 154 36.64 -21.74 -15.75
C THR B 154 35.95 -20.38 -15.86
N CYS B 155 36.69 -19.29 -15.61
CA CYS B 155 36.08 -17.96 -15.65
C CYS B 155 35.42 -17.68 -17.00
N VAL B 156 36.15 -17.96 -18.09
CA VAL B 156 35.72 -17.57 -19.42
C VAL B 156 34.49 -18.37 -19.84
N ASN B 157 34.47 -19.68 -19.55
CA ASN B 157 33.47 -20.59 -20.08
C ASN B 157 32.31 -20.87 -19.13
N VAL B 158 32.55 -21.02 -17.83
CA VAL B 158 31.49 -21.48 -16.91
C VAL B 158 31.55 -20.77 -15.56
N GLY B 159 32.01 -19.51 -15.56
CA GLY B 159 32.24 -18.78 -14.34
C GLY B 159 31.99 -17.28 -14.47
N CYS B 160 33.00 -16.44 -14.18
CA CYS B 160 32.75 -14.99 -14.02
C CYS B 160 32.00 -14.38 -15.20
N ILE B 161 32.34 -14.77 -16.43
CA ILE B 161 31.84 -14.09 -17.62
C ILE B 161 30.38 -14.48 -17.89
N PRO B 162 30.03 -15.77 -17.98
CA PRO B 162 28.61 -16.09 -18.20
C PRO B 162 27.72 -15.74 -17.01
N LYS B 163 28.23 -15.85 -15.78
CA LYS B 163 27.36 -15.56 -14.64
C LYS B 163 27.06 -14.05 -14.54
N LYS B 164 28.04 -13.18 -14.82
CA LYS B 164 27.72 -11.76 -14.76
C LYS B 164 26.87 -11.32 -15.94
N LEU B 165 26.99 -12.00 -17.09
CA LEU B 165 26.10 -11.71 -18.20
C LEU B 165 24.66 -12.09 -17.87
N MET B 166 24.46 -13.22 -17.18
CA MET B 166 23.10 -13.60 -16.77
C MET B 166 22.59 -12.71 -15.64
N HIS B 167 23.48 -12.31 -14.72
CA HIS B 167 23.18 -11.28 -13.73
C HIS B 167 22.67 -9.99 -14.39
N GLN B 168 23.28 -9.58 -15.52
CA GLN B 168 22.82 -8.35 -16.18
C GLN B 168 21.42 -8.53 -16.79
N ALA B 169 21.16 -9.70 -17.38
CA ALA B 169 19.81 -10.00 -17.88
C ALA B 169 18.78 -9.88 -16.76
N GLY B 170 19.15 -10.29 -15.55
CA GLY B 170 18.25 -10.15 -14.41
C GLY B 170 18.14 -8.72 -13.92
N LEU B 171 19.26 -7.99 -13.87
CA LEU B 171 19.20 -6.59 -13.52
C LEU B 171 18.32 -5.80 -14.48
N LEU B 172 18.30 -6.19 -15.76
CA LEU B 172 17.50 -5.45 -16.72
C LEU B 172 16.02 -5.55 -16.42
N SER B 173 15.59 -6.56 -15.65
CA SER B 173 14.18 -6.67 -15.32
C SER B 173 13.72 -5.49 -14.48
N HIS B 174 14.53 -5.09 -13.50
CA HIS B 174 14.17 -3.93 -12.69
C HIS B 174 14.29 -2.62 -13.46
N ALA B 175 15.16 -2.59 -14.48
CA ALA B 175 15.22 -1.44 -15.37
C ALA B 175 13.88 -1.23 -16.09
N LEU B 176 13.29 -2.32 -16.61
CA LEU B 176 11.98 -2.24 -17.25
C LEU B 176 10.92 -1.73 -16.26
N GLU B 177 10.96 -2.21 -15.01
CA GLU B 177 10.06 -1.70 -13.98
C GLU B 177 10.29 -0.21 -13.74
N ASP B 178 11.55 0.18 -13.49
CA ASP B 178 11.86 1.58 -13.18
C ASP B 178 11.47 2.54 -14.31
N ALA B 179 11.54 2.07 -15.57
CA ALA B 179 11.34 2.97 -16.72
C ALA B 179 9.94 3.59 -16.71
N GLU B 180 8.93 2.86 -16.23
CA GLU B 180 7.59 3.42 -16.16
C GLU B 180 7.55 4.66 -15.28
N HIS B 181 8.21 4.60 -14.13
CA HIS B 181 8.21 5.73 -13.20
C HIS B 181 9.00 6.91 -13.73
N PHE B 182 10.00 6.68 -14.58
CA PHE B 182 10.75 7.79 -15.16
C PHE B 182 10.12 8.35 -16.43
N GLY B 183 8.92 7.88 -16.79
CA GLY B 183 8.16 8.44 -17.90
C GLY B 183 8.00 7.57 -19.13
N TRP B 184 8.64 6.41 -19.21
CA TRP B 184 8.49 5.58 -20.40
C TRP B 184 7.19 4.76 -20.36
N SER B 185 6.63 4.53 -21.55
CA SER B 185 5.24 4.12 -21.73
C SER B 185 5.04 2.61 -21.76
N LEU B 186 5.96 1.82 -21.22
CA LEU B 186 5.84 0.38 -21.31
C LEU B 186 5.17 -0.19 -20.07
N ASP B 187 4.56 -1.38 -20.23
CA ASP B 187 3.91 -2.11 -19.14
C ASP B 187 4.72 -3.36 -18.84
N ARG B 188 5.50 -3.30 -17.77
CA ARG B 188 6.40 -4.42 -17.44
C ARG B 188 5.64 -5.72 -17.25
N SER B 189 4.43 -5.67 -16.69
CA SER B 189 3.65 -6.88 -16.41
C SER B 189 3.39 -7.72 -17.66
N LYS B 190 3.50 -7.13 -18.85
CA LYS B 190 3.23 -7.82 -20.10
C LYS B 190 4.50 -8.24 -20.84
N ILE B 191 5.64 -8.33 -20.14
CA ILE B 191 6.90 -8.70 -20.77
C ILE B 191 7.43 -9.95 -20.09
N SER B 192 8.03 -10.85 -20.87
CA SER B 192 8.52 -12.12 -20.38
C SER B 192 9.94 -12.36 -20.89
N HIS B 193 10.62 -13.34 -20.30
CA HIS B 193 12.00 -13.65 -20.64
C HIS B 193 12.12 -14.96 -21.42
N ASN B 194 13.08 -15.02 -22.36
CA ASN B 194 13.33 -16.23 -23.15
C ASN B 194 14.73 -16.74 -22.84
N TRP B 195 14.80 -17.83 -22.06
CA TRP B 195 16.08 -18.38 -21.62
C TRP B 195 17.00 -18.69 -22.79
N SER B 196 16.49 -19.38 -23.81
CA SER B 196 17.40 -19.88 -24.83
C SER B 196 17.92 -18.74 -25.72
N THR B 197 17.13 -17.69 -25.93
CA THR B 197 17.66 -16.51 -26.62
C THR B 197 18.84 -15.92 -25.86
N MET B 198 18.77 -15.94 -24.53
CA MET B 198 19.85 -15.43 -23.69
C MET B 198 21.09 -16.32 -23.79
N VAL B 199 20.92 -17.63 -23.62
CA VAL B 199 22.05 -18.56 -23.69
C VAL B 199 22.76 -18.45 -25.04
N GLU B 200 22.01 -18.25 -26.12
CA GLU B 200 22.64 -18.12 -27.43
C GLU B 200 23.54 -16.88 -27.49
N GLY B 201 23.05 -15.75 -26.99
CA GLY B 201 23.88 -14.55 -26.96
C GLY B 201 25.10 -14.73 -26.08
N VAL B 202 24.91 -15.31 -24.88
CA VAL B 202 26.03 -15.60 -23.99
C VAL B 202 27.04 -16.52 -24.66
N GLN B 203 26.57 -17.62 -25.25
CA GLN B 203 27.49 -18.61 -25.82
C GLN B 203 28.23 -18.08 -27.05
N SER B 204 27.59 -17.22 -27.84
CA SER B 204 28.28 -16.59 -28.96
C SER B 204 29.43 -15.69 -28.48
N HIS B 205 29.23 -14.97 -27.38
CA HIS B 205 30.33 -14.16 -26.87
C HIS B 205 31.45 -15.03 -26.31
N ILE B 206 31.09 -16.10 -25.57
CA ILE B 206 32.12 -17.02 -25.06
C ILE B 206 32.92 -17.60 -26.21
N GLY B 207 32.24 -17.91 -27.32
CA GLY B 207 32.95 -18.47 -28.46
C GLY B 207 33.88 -17.47 -29.12
N SER B 208 33.52 -16.18 -29.08
CA SER B 208 34.46 -15.19 -29.59
C SER B 208 35.69 -15.08 -28.69
N LEU B 209 35.58 -15.46 -27.40
CA LEU B 209 36.76 -15.51 -26.55
C LEU B 209 37.56 -16.79 -26.74
N ASN B 210 36.91 -17.94 -26.92
CA ASN B 210 37.67 -19.16 -27.23
C ASN B 210 38.58 -18.90 -28.43
N TRP B 211 38.01 -18.35 -29.51
CA TRP B 211 38.75 -18.14 -30.74
C TRP B 211 39.85 -17.10 -30.56
N GLY B 212 39.58 -16.05 -29.78
CA GLY B 212 40.57 -15.01 -29.57
C GLY B 212 41.82 -15.51 -28.87
N TYR B 213 41.64 -16.42 -27.90
CA TYR B 213 42.79 -17.01 -27.21
C TYR B 213 43.64 -17.85 -28.16
N LYS B 214 43.00 -18.66 -29.03
CA LYS B 214 43.74 -19.47 -29.99
C LYS B 214 44.50 -18.58 -30.98
N VAL B 215 43.89 -17.46 -31.38
CA VAL B 215 44.59 -16.49 -32.22
C VAL B 215 45.74 -15.86 -31.46
N ALA B 216 45.50 -15.48 -30.20
CA ALA B 216 46.53 -14.83 -29.41
C ALA B 216 47.74 -15.74 -29.21
N LEU B 217 47.51 -17.04 -28.94
CA LEU B 217 48.64 -17.95 -28.77
C LEU B 217 49.44 -18.07 -30.07
N ARG B 218 48.75 -18.21 -31.19
CA ARG B 218 49.43 -18.30 -32.48
C ARG B 218 50.26 -17.06 -32.77
N ASP B 219 49.67 -15.86 -32.64
CA ASP B 219 50.46 -14.68 -32.95
C ASP B 219 51.59 -14.41 -31.93
N ASN B 220 51.68 -15.19 -30.85
CA ASN B 220 52.80 -15.11 -29.91
C ASN B 220 53.76 -16.29 -30.07
N GLN B 221 53.56 -17.12 -31.09
CA GLN B 221 54.40 -18.29 -31.35
C GLN B 221 54.39 -19.25 -30.17
N VAL B 222 53.22 -19.38 -29.52
CA VAL B 222 53.00 -20.36 -28.46
C VAL B 222 52.35 -21.59 -29.06
N THR B 223 52.88 -22.78 -28.75
CA THR B 223 52.29 -24.02 -29.22
C THR B 223 51.12 -24.41 -28.32
N TYR B 224 49.94 -24.53 -28.90
CA TYR B 224 48.72 -24.91 -28.17
C TYR B 224 48.37 -26.36 -28.48
N LEU B 225 48.36 -27.21 -27.46
CA LEU B 225 48.00 -28.61 -27.60
C LEU B 225 46.73 -28.89 -26.81
N ASN B 226 45.64 -29.25 -27.50
CA ASN B 226 44.39 -29.63 -26.86
C ASN B 226 44.54 -31.06 -26.34
N ALA B 227 45.22 -31.19 -25.21
CA ALA B 227 45.69 -32.49 -24.74
C ALA B 227 45.78 -32.50 -23.23
N LYS B 228 45.50 -33.67 -22.64
CA LYS B 228 45.60 -33.84 -21.20
C LYS B 228 47.06 -34.10 -20.84
N GLY B 229 47.63 -33.27 -19.97
CA GLY B 229 49.01 -33.39 -19.55
C GLY B 229 49.15 -34.04 -18.19
N ARG B 230 50.24 -34.77 -18.02
CA ARG B 230 50.56 -35.44 -16.76
C ARG B 230 52.05 -35.34 -16.53
N LEU B 231 52.45 -34.83 -15.37
CA LEU B 231 53.85 -34.71 -15.03
C LEU B 231 54.33 -36.01 -14.42
N ILE B 232 55.22 -36.70 -15.14
CA ILE B 232 55.73 -37.99 -14.70
C ILE B 232 57.13 -37.89 -14.12
N SER B 233 57.90 -36.88 -14.49
CA SER B 233 59.20 -36.61 -13.91
C SER B 233 59.36 -35.10 -13.90
N PRO B 234 60.36 -34.57 -13.16
CA PRO B 234 60.53 -33.11 -13.09
C PRO B 234 60.50 -32.37 -14.43
N HIS B 235 60.99 -32.96 -15.51
CA HIS B 235 61.08 -32.27 -16.79
C HIS B 235 60.26 -32.94 -17.88
N GLU B 236 59.48 -33.97 -17.54
CA GLU B 236 58.82 -34.81 -18.53
C GLU B 236 57.31 -34.77 -18.34
N VAL B 237 56.60 -34.36 -19.38
CA VAL B 237 55.14 -34.26 -19.36
C VAL B 237 54.60 -35.26 -20.35
N GLN B 238 53.74 -36.16 -19.88
CA GLN B 238 53.06 -37.10 -20.75
C GLN B 238 51.72 -36.52 -21.20
N ILE B 239 51.43 -36.62 -22.50
CA ILE B 239 50.25 -36.01 -23.09
C ILE B 239 49.40 -37.09 -23.75
N THR B 240 48.09 -36.84 -23.79
CA THR B 240 47.14 -37.74 -24.44
C THR B 240 46.16 -36.90 -25.24
N ASP B 241 46.10 -37.13 -26.56
CA ASP B 241 45.34 -36.27 -27.47
C ASP B 241 43.89 -36.76 -27.57
N LYS B 242 43.12 -36.19 -28.50
CA LYS B 242 41.71 -36.54 -28.64
C LYS B 242 41.49 -37.92 -29.24
N ASN B 243 42.53 -38.58 -29.74
CA ASN B 243 42.44 -39.97 -30.16
C ASN B 243 43.06 -40.93 -29.15
N GLN B 244 43.33 -40.45 -27.93
CA GLN B 244 44.02 -41.24 -26.91
C GLN B 244 45.37 -41.74 -27.42
N LYS B 245 46.05 -40.91 -28.20
CA LYS B 245 47.44 -41.16 -28.57
C LYS B 245 48.37 -40.50 -27.54
N VAL B 246 49.29 -41.29 -26.98
CA VAL B 246 50.13 -40.85 -25.88
C VAL B 246 51.53 -40.55 -26.39
N SER B 247 52.20 -39.58 -25.76
CA SER B 247 53.58 -39.25 -26.07
C SER B 247 54.15 -38.43 -24.92
N THR B 248 55.42 -38.05 -25.06
CA THR B 248 56.14 -37.36 -24.00
C THR B 248 56.86 -36.18 -24.60
N ILE B 249 56.76 -35.03 -23.92
CA ILE B 249 57.52 -33.84 -24.25
C ILE B 249 58.26 -33.41 -22.99
N THR B 250 59.33 -32.65 -23.19
CA THR B 250 60.15 -32.21 -22.09
C THR B 250 60.26 -30.69 -22.11
N GLY B 251 60.35 -30.13 -20.91
CA GLY B 251 60.52 -28.69 -20.78
C GLY B 251 61.46 -28.36 -19.66
N ASN B 252 62.11 -27.21 -19.78
CA ASN B 252 62.96 -26.72 -18.70
C ASN B 252 62.13 -26.39 -17.46
N LYS B 253 61.25 -25.38 -17.56
CA LYS B 253 60.36 -25.00 -16.46
C LYS B 253 58.95 -25.54 -16.70
N ILE B 254 58.28 -25.86 -15.60
CA ILE B 254 56.93 -26.38 -15.63
C ILE B 254 56.05 -25.51 -14.74
N ILE B 255 54.86 -25.15 -15.22
CA ILE B 255 53.86 -24.41 -14.44
C ILE B 255 52.59 -25.25 -14.43
N LEU B 256 52.15 -25.65 -13.24
CA LEU B 256 50.84 -26.28 -13.07
C LEU B 256 49.79 -25.19 -12.84
N ALA B 257 48.69 -25.26 -13.59
CA ALA B 257 47.66 -24.22 -13.57
C ALA B 257 46.33 -24.84 -13.97
N THR B 258 45.99 -25.96 -13.34
CA THR B 258 44.91 -26.81 -13.83
C THR B 258 43.59 -26.59 -13.13
N GLY B 259 43.52 -25.72 -12.12
CA GLY B 259 42.20 -25.32 -11.63
C GLY B 259 41.49 -26.37 -10.79
N GLU B 260 40.18 -26.17 -10.60
CA GLU B 260 39.32 -27.06 -9.83
C GLU B 260 38.06 -27.36 -10.64
N ARG B 261 37.23 -28.23 -10.11
CA ARG B 261 35.93 -28.58 -10.68
C ARG B 261 34.96 -28.71 -9.50
N PRO B 262 33.64 -28.63 -9.78
CA PRO B 262 32.67 -28.66 -8.67
C PRO B 262 32.53 -30.03 -8.02
N LYS B 263 32.26 -30.01 -6.72
CA LYS B 263 31.99 -31.22 -5.95
C LYS B 263 30.52 -31.64 -6.02
N TYR B 264 30.25 -32.87 -5.59
CA TYR B 264 28.91 -33.41 -5.43
C TYR B 264 28.78 -34.02 -4.04
N PRO B 265 27.66 -33.83 -3.37
CA PRO B 265 27.48 -34.49 -2.08
C PRO B 265 27.31 -35.99 -2.26
N GLU B 266 27.79 -36.74 -1.27
CA GLU B 266 27.80 -38.20 -1.37
C GLU B 266 26.42 -38.75 -1.01
N ILE B 267 25.48 -38.59 -1.93
CA ILE B 267 24.10 -39.02 -1.69
C ILE B 267 23.53 -39.63 -2.96
N PRO B 268 22.55 -40.51 -2.81
CA PRO B 268 21.98 -41.20 -3.98
C PRO B 268 21.30 -40.25 -4.94
N GLY B 269 21.62 -40.41 -6.23
CA GLY B 269 20.94 -39.72 -7.30
C GLY B 269 21.56 -38.39 -7.70
N ALA B 270 22.55 -37.90 -6.94
CA ALA B 270 23.06 -36.56 -7.17
C ALA B 270 23.77 -36.46 -8.52
N VAL B 271 24.78 -37.29 -8.71
CA VAL B 271 25.53 -37.27 -9.96
C VAL B 271 24.64 -37.61 -11.13
N GLU B 272 23.71 -38.55 -10.93
CA GLU B 272 22.81 -38.98 -11.98
C GLU B 272 21.87 -37.86 -12.40
N TYR B 273 21.19 -37.24 -11.43
CA TYR B 273 20.04 -36.41 -11.77
C TYR B 273 20.23 -34.92 -11.49
N GLY B 274 21.30 -34.52 -10.77
CA GLY B 274 21.59 -33.11 -10.55
C GLY B 274 22.56 -32.53 -11.58
N ILE B 275 22.73 -31.21 -11.54
CA ILE B 275 23.71 -30.52 -12.39
C ILE B 275 24.52 -29.57 -11.53
N THR B 276 25.53 -28.96 -12.13
CA THR B 276 26.29 -27.92 -11.43
C THR B 276 26.39 -26.67 -12.28
N SER B 277 27.16 -25.68 -11.80
CA SER B 277 27.39 -24.47 -12.59
C SER B 277 28.07 -24.79 -13.91
N ASP B 278 28.91 -25.83 -13.95
CA ASP B 278 29.50 -26.29 -15.21
C ASP B 278 28.44 -26.49 -16.29
N ASP B 279 27.27 -27.00 -15.90
CA ASP B 279 26.19 -27.28 -16.85
C ASP B 279 25.25 -26.11 -17.06
N LEU B 280 25.17 -25.16 -16.12
CA LEU B 280 24.06 -24.21 -16.15
C LEU B 280 24.20 -23.22 -17.29
N PHE B 281 25.44 -22.78 -17.57
CA PHE B 281 25.65 -21.68 -18.49
C PHE B 281 25.45 -22.04 -19.95
N SER B 282 25.26 -23.32 -20.29
CA SER B 282 24.93 -23.71 -21.65
C SER B 282 23.70 -24.62 -21.69
N LEU B 283 22.94 -24.69 -20.59
CA LEU B 283 21.73 -25.51 -20.54
C LEU B 283 20.78 -25.14 -21.68
N PRO B 284 20.32 -26.12 -22.47
CA PRO B 284 19.49 -25.78 -23.64
C PRO B 284 18.01 -25.57 -23.33
N TYR B 285 17.56 -25.84 -22.11
CA TYR B 285 16.19 -25.56 -21.70
C TYR B 285 16.22 -24.65 -20.48
N PHE B 286 15.15 -23.87 -20.29
CA PHE B 286 14.99 -23.16 -19.03
C PHE B 286 14.92 -24.17 -17.89
N PRO B 287 15.64 -23.97 -16.78
CA PRO B 287 15.66 -24.98 -15.71
C PRO B 287 14.29 -25.23 -15.07
N GLY B 288 13.35 -24.28 -15.13
CA GLY B 288 12.07 -24.49 -14.48
C GLY B 288 12.19 -24.30 -12.97
N LYS B 289 11.20 -24.80 -12.23
CA LYS B 289 11.28 -24.78 -10.78
C LYS B 289 12.57 -25.45 -10.31
N THR B 290 13.39 -24.70 -9.58
CA THR B 290 14.76 -25.07 -9.32
C THR B 290 15.05 -25.12 -7.84
N LEU B 291 15.91 -26.05 -7.45
CA LEU B 291 16.42 -26.12 -6.10
C LEU B 291 17.93 -25.95 -6.16
N VAL B 292 18.45 -24.97 -5.41
CA VAL B 292 19.90 -24.76 -5.30
C VAL B 292 20.32 -25.23 -3.92
N ILE B 293 21.27 -26.16 -3.89
CA ILE B 293 21.79 -26.73 -2.65
C ILE B 293 23.16 -26.15 -2.45
N GLY B 294 23.35 -25.47 -1.32
CA GLY B 294 24.58 -24.76 -1.03
C GLY B 294 24.31 -23.32 -0.66
N ALA B 295 25.37 -22.65 -0.21
CA ALA B 295 25.23 -21.28 0.27
C ALA B 295 26.48 -20.43 0.03
N SER B 296 27.33 -20.81 -0.92
CA SER B 296 28.48 -20.03 -1.33
C SER B 296 28.06 -18.90 -2.28
N TYR B 297 29.03 -18.09 -2.71
CA TYR B 297 28.67 -17.01 -3.63
C TYR B 297 28.11 -17.57 -4.94
N VAL B 298 28.66 -18.69 -5.41
CA VAL B 298 28.11 -19.34 -6.61
C VAL B 298 26.62 -19.63 -6.41
N ALA B 299 26.28 -20.25 -5.28
CA ALA B 299 24.90 -20.65 -5.04
C ALA B 299 23.96 -19.45 -5.04
N LEU B 300 24.34 -18.38 -4.32
CA LEU B 300 23.47 -17.21 -4.23
C LEU B 300 23.42 -16.43 -5.54
N GLU B 301 24.55 -16.32 -6.24
CA GLU B 301 24.53 -15.59 -7.50
C GLU B 301 23.58 -16.27 -8.50
N CYS B 302 23.65 -17.60 -8.60
CA CYS B 302 22.79 -18.31 -9.54
C CYS B 302 21.32 -18.23 -9.13
N ALA B 303 21.00 -18.56 -7.88
CA ALA B 303 19.63 -18.40 -7.42
C ALA B 303 19.14 -16.99 -7.68
N GLY B 304 20.03 -16.01 -7.50
CA GLY B 304 19.66 -14.62 -7.67
C GLY B 304 19.15 -14.27 -9.06
N PHE B 305 19.90 -14.61 -10.11
CA PHE B 305 19.40 -14.21 -11.42
C PHE B 305 18.30 -15.12 -11.93
N LEU B 306 18.28 -16.41 -11.55
CA LEU B 306 17.15 -17.28 -11.92
C LEU B 306 15.85 -16.68 -11.41
N ALA B 307 15.86 -16.16 -10.18
CA ALA B 307 14.65 -15.55 -9.66
C ALA B 307 14.31 -14.30 -10.45
N SER B 308 15.31 -13.48 -10.79
CA SER B 308 15.05 -12.25 -11.51
C SER B 308 14.51 -12.50 -12.91
N LEU B 309 14.91 -13.61 -13.54
CA LEU B 309 14.35 -14.00 -14.82
C LEU B 309 12.97 -14.64 -14.73
N GLY B 310 12.39 -14.72 -13.54
CA GLY B 310 11.06 -15.25 -13.37
C GLY B 310 10.98 -16.71 -12.99
N GLY B 311 12.08 -17.31 -12.59
CA GLY B 311 12.03 -18.67 -12.12
C GLY B 311 11.57 -18.80 -10.67
N ASP B 312 11.11 -20.00 -10.36
CA ASP B 312 10.62 -20.39 -9.04
C ASP B 312 11.80 -21.10 -8.38
N VAL B 313 12.45 -20.42 -7.44
CA VAL B 313 13.77 -20.81 -6.98
C VAL B 313 13.73 -21.02 -5.47
N THR B 314 14.40 -22.06 -5.01
CA THR B 314 14.61 -22.33 -3.60
C THR B 314 16.07 -22.64 -3.36
N VAL B 315 16.61 -22.17 -2.23
CA VAL B 315 17.99 -22.41 -1.82
C VAL B 315 17.97 -23.17 -0.50
N MET B 316 18.77 -24.23 -0.40
CA MET B 316 18.75 -25.07 0.80
C MET B 316 20.08 -24.92 1.51
N VAL B 317 20.04 -24.47 2.76
CA VAL B 317 21.22 -24.01 3.49
C VAL B 317 21.49 -24.93 4.68
N ARG B 318 22.67 -25.53 4.70
CA ARG B 318 23.08 -26.34 5.84
C ARG B 318 23.13 -25.50 7.13
N SER B 319 23.92 -24.44 7.14
CA SER B 319 24.13 -23.60 8.33
C SER B 319 23.93 -22.12 8.04
N ILE B 320 24.96 -21.47 7.46
CA ILE B 320 24.95 -20.02 7.26
C ILE B 320 25.18 -19.68 5.79
N LEU B 321 24.89 -18.43 5.45
CA LEU B 321 25.17 -17.91 4.12
C LEU B 321 26.59 -17.37 4.04
N LEU B 322 27.27 -17.66 2.93
CA LEU B 322 28.54 -16.99 2.60
C LEU B 322 29.58 -17.14 3.70
N ARG B 323 29.72 -18.37 4.19
CA ARG B 323 30.75 -18.72 5.18
C ARG B 323 32.09 -18.12 4.80
N GLY B 324 32.77 -17.50 5.77
CA GLY B 324 34.04 -16.84 5.53
C GLY B 324 33.96 -15.37 5.19
N PHE B 325 32.78 -14.85 4.87
CA PHE B 325 32.56 -13.43 4.65
C PHE B 325 31.90 -12.81 5.87
N ASP B 326 31.96 -11.48 5.97
CA ASP B 326 31.32 -10.74 7.06
C ASP B 326 29.85 -11.12 7.20
N GLN B 327 29.46 -11.60 8.39
CA GLN B 327 28.17 -12.24 8.49
C GLN B 327 27.03 -11.24 8.59
N GLN B 328 27.29 -10.02 9.09
CA GLN B 328 26.26 -9.00 9.01
C GLN B 328 25.93 -8.71 7.54
N MET B 329 26.94 -8.40 6.74
CA MET B 329 26.75 -8.20 5.30
C MET B 329 26.07 -9.40 4.66
N ALA B 330 26.53 -10.61 4.98
CA ALA B 330 25.95 -11.82 4.38
C ALA B 330 24.45 -11.91 4.64
N GLU B 331 24.03 -11.54 5.86
CA GLU B 331 22.62 -11.66 6.20
C GLU B 331 21.80 -10.58 5.51
N LYS B 332 22.34 -9.37 5.38
CA LYS B 332 21.68 -8.34 4.58
C LYS B 332 21.52 -8.79 3.12
N VAL B 333 22.55 -9.44 2.58
CA VAL B 333 22.45 -9.96 1.22
C VAL B 333 21.27 -10.91 1.12
N GLY B 334 21.17 -11.88 2.03
CA GLY B 334 20.13 -12.88 1.94
C GLY B 334 18.74 -12.31 2.22
N ASP B 335 18.67 -11.35 3.14
CA ASP B 335 17.40 -10.68 3.42
C ASP B 335 16.85 -10.01 2.16
N TYR B 336 17.72 -9.33 1.39
CA TYR B 336 17.27 -8.73 0.14
C TYR B 336 16.71 -9.79 -0.81
N MET B 337 17.46 -10.89 -0.99
CA MET B 337 17.01 -11.95 -1.89
C MET B 337 15.66 -12.51 -1.46
N GLU B 338 15.48 -12.73 -0.16
CA GLU B 338 14.25 -13.31 0.33
C GLU B 338 13.05 -12.38 0.16
N ASN B 339 13.26 -11.06 0.21
CA ASN B 339 12.15 -10.13 -0.02
C ASN B 339 11.88 -9.91 -1.49
N HIS B 340 12.75 -10.35 -2.37
CA HIS B 340 12.52 -10.21 -3.79
C HIS B 340 12.41 -11.56 -4.49
N GLY B 341 11.90 -12.56 -3.79
CA GLY B 341 11.36 -13.75 -4.43
C GLY B 341 12.26 -14.96 -4.52
N VAL B 342 13.35 -15.02 -3.77
CA VAL B 342 14.09 -16.26 -3.55
C VAL B 342 13.59 -16.88 -2.27
N LYS B 343 13.18 -18.16 -2.33
CA LYS B 343 12.78 -18.88 -1.12
C LYS B 343 13.97 -19.60 -0.52
N PHE B 344 14.00 -19.67 0.81
CA PHE B 344 15.09 -20.33 1.52
C PHE B 344 14.54 -21.42 2.42
N ALA B 345 15.20 -22.58 2.43
CA ALA B 345 14.89 -23.67 3.36
C ALA B 345 16.09 -23.82 4.29
N LYS B 346 16.00 -23.22 5.48
CA LYS B 346 17.19 -23.01 6.29
C LYS B 346 17.42 -24.21 7.20
N LEU B 347 18.68 -24.40 7.60
CA LEU B 347 19.12 -25.51 8.45
C LEU B 347 18.58 -26.85 7.92
N CYS B 348 18.94 -27.14 6.66
CA CYS B 348 18.39 -28.26 5.90
C CYS B 348 19.49 -28.83 5.02
N VAL B 349 19.53 -30.15 4.89
CA VAL B 349 20.48 -30.84 4.02
C VAL B 349 19.72 -31.86 3.17
N PRO B 350 20.31 -32.29 2.06
CA PRO B 350 19.67 -33.31 1.22
C PRO B 350 20.13 -34.72 1.56
N ASP B 351 19.20 -35.68 1.38
CA ASP B 351 19.45 -37.10 1.65
C ASP B 351 19.50 -37.98 0.39
N GLU B 352 18.71 -37.66 -0.63
CA GLU B 352 18.66 -38.44 -1.87
C GLU B 352 17.86 -37.67 -2.91
N ILE B 353 18.12 -37.97 -4.18
CA ILE B 353 17.40 -37.41 -5.32
C ILE B 353 16.80 -38.55 -6.14
N LYS B 354 15.51 -38.49 -6.39
CA LYS B 354 14.81 -39.50 -7.18
C LYS B 354 14.32 -38.91 -8.50
N GLN B 355 14.46 -39.69 -9.57
CA GLN B 355 13.94 -39.33 -10.88
C GLN B 355 12.45 -39.67 -11.01
N LEU B 356 11.67 -38.72 -11.50
CA LEU B 356 10.26 -38.94 -11.84
C LEU B 356 10.01 -38.83 -13.33
N LYS B 357 10.72 -37.93 -14.02
CA LYS B 357 10.74 -37.86 -15.47
C LYS B 357 12.18 -37.63 -15.93
N VAL B 358 12.52 -38.26 -17.04
CA VAL B 358 13.81 -38.09 -17.70
C VAL B 358 13.78 -36.79 -18.49
N VAL B 359 14.96 -36.20 -18.70
CA VAL B 359 15.07 -35.00 -19.53
C VAL B 359 14.63 -35.31 -20.95
N ASP B 360 13.67 -34.53 -21.45
CA ASP B 360 13.19 -34.61 -22.84
C ASP B 360 14.12 -33.80 -23.73
N THR B 361 15.18 -34.44 -24.22
CA THR B 361 16.17 -33.73 -25.03
C THR B 361 15.60 -33.31 -26.38
N GLU B 362 14.62 -34.04 -26.91
CA GLU B 362 14.08 -33.70 -28.22
C GLU B 362 13.25 -32.41 -28.16
N ASN B 363 12.19 -32.40 -27.35
CA ASN B 363 11.33 -31.23 -27.23
C ASN B 363 11.89 -30.15 -26.30
N ASN B 364 13.10 -30.34 -25.79
CA ASN B 364 13.81 -29.31 -25.04
C ASN B 364 13.11 -28.92 -23.74
N LYS B 365 12.94 -29.88 -22.84
CA LYS B 365 12.27 -29.70 -21.57
C LYS B 365 13.07 -30.38 -20.47
N PRO B 366 13.02 -29.85 -19.26
CA PRO B 366 13.67 -30.53 -18.12
C PRO B 366 12.89 -31.78 -17.72
N GLY B 367 13.54 -32.62 -16.94
CA GLY B 367 12.88 -33.74 -16.31
C GLY B 367 12.03 -33.28 -15.14
N LEU B 368 11.87 -34.18 -14.17
CA LEU B 368 11.20 -33.88 -12.90
C LEU B 368 11.82 -34.78 -11.84
N LEU B 369 12.14 -34.18 -10.69
CA LEU B 369 12.85 -34.87 -9.63
C LEU B 369 12.08 -34.73 -8.31
N LEU B 370 12.25 -35.71 -7.43
CA LEU B 370 11.79 -35.62 -6.06
C LEU B 370 13.00 -35.56 -5.13
N VAL B 371 13.04 -34.53 -4.28
CA VAL B 371 14.16 -34.32 -3.37
C VAL B 371 13.70 -34.63 -1.95
N LYS B 372 14.45 -35.49 -1.26
CA LYS B 372 14.17 -35.85 0.11
C LYS B 372 15.32 -35.42 0.99
N GLY B 373 15.01 -34.73 2.08
CA GLY B 373 16.02 -34.26 3.02
C GLY B 373 15.39 -34.09 4.38
N HIS B 374 16.20 -33.58 5.31
CA HIS B 374 15.76 -33.37 6.68
C HIS B 374 16.35 -32.08 7.26
N TYR B 375 15.62 -31.47 8.18
CA TYR B 375 16.05 -30.28 8.89
C TYR B 375 16.91 -30.62 10.11
N THR B 376 17.65 -29.61 10.58
CA THR B 376 18.67 -29.80 11.61
C THR B 376 18.11 -30.31 12.94
N ASP B 377 16.81 -30.12 13.18
CA ASP B 377 16.19 -30.60 14.42
C ASP B 377 15.82 -32.07 14.28
N GLY B 378 15.37 -32.48 13.09
CA GLY B 378 14.97 -33.84 12.78
C GLY B 378 13.82 -33.92 11.79
N LYS B 379 13.05 -32.84 11.64
CA LYS B 379 11.92 -32.78 10.71
C LYS B 379 12.37 -33.06 9.27
N LYS B 380 11.40 -33.36 8.42
CA LYS B 380 11.67 -33.95 7.12
C LYS B 380 11.39 -32.96 5.99
N PHE B 381 12.14 -33.10 4.91
CA PHE B 381 11.95 -32.30 3.70
C PHE B 381 11.58 -33.20 2.53
N GLU B 382 10.52 -32.84 1.82
CA GLU B 382 10.16 -33.58 0.61
C GLU B 382 9.40 -32.65 -0.32
N GLU B 383 9.88 -32.52 -1.56
CA GLU B 383 9.32 -31.59 -2.54
C GLU B 383 9.88 -31.90 -3.92
N GLU B 384 9.07 -31.65 -4.95
CA GLU B 384 9.48 -31.91 -6.32
C GLU B 384 10.06 -30.64 -6.95
N PHE B 385 11.06 -30.82 -7.83
CA PHE B 385 11.69 -29.75 -8.60
C PHE B 385 12.00 -30.27 -10.00
N GLU B 386 12.03 -29.35 -10.98
CA GLU B 386 12.42 -29.72 -12.33
C GLU B 386 13.93 -29.78 -12.53
N THR B 387 14.68 -28.94 -11.82
CA THR B 387 16.15 -28.92 -11.89
C THR B 387 16.71 -28.84 -10.49
N VAL B 388 17.81 -29.52 -10.24
CA VAL B 388 18.52 -29.42 -8.97
C VAL B 388 19.97 -29.08 -9.26
N ILE B 389 20.45 -27.99 -8.70
CA ILE B 389 21.81 -27.52 -8.90
C ILE B 389 22.56 -27.63 -7.59
N PHE B 390 23.73 -28.25 -7.62
CA PHE B 390 24.62 -28.35 -6.48
C PHE B 390 25.71 -27.30 -6.57
N ALA B 391 25.87 -26.52 -5.52
CA ALA B 391 27.00 -25.61 -5.36
C ALA B 391 27.54 -25.80 -3.95
N VAL B 392 28.21 -26.94 -3.73
CA VAL B 392 28.70 -27.29 -2.41
C VAL B 392 30.23 -27.32 -2.42
N GLY B 393 30.83 -26.46 -3.24
CA GLY B 393 32.27 -26.29 -3.20
C GLY B 393 32.94 -26.84 -4.46
N ARG B 394 34.24 -26.56 -4.54
CA ARG B 394 35.09 -26.95 -5.65
C ARG B 394 36.38 -27.52 -5.08
N GLU B 395 37.04 -28.39 -5.84
CA GLU B 395 38.30 -28.97 -5.38
C GLU B 395 39.13 -29.38 -6.58
N PRO B 396 40.46 -29.45 -6.43
CA PRO B 396 41.29 -29.95 -7.52
C PRO B 396 41.37 -31.48 -7.48
N GLN B 397 41.94 -32.04 -8.53
CA GLN B 397 42.14 -33.49 -8.60
C GLN B 397 43.54 -33.77 -9.12
N LEU B 398 44.54 -33.37 -8.32
CA LEU B 398 45.92 -33.32 -8.77
C LEU B 398 46.55 -34.70 -8.99
N SER B 399 45.97 -35.76 -8.44
CA SER B 399 46.45 -37.11 -8.76
C SER B 399 46.28 -37.43 -10.25
N LYS B 400 45.31 -36.81 -10.93
CA LYS B 400 45.22 -36.91 -12.37
C LYS B 400 46.42 -36.24 -13.04
N VAL B 401 46.82 -35.08 -12.52
CA VAL B 401 47.77 -34.23 -13.23
C VAL B 401 49.20 -34.62 -12.93
N LEU B 402 49.44 -35.20 -11.75
CA LEU B 402 50.75 -35.15 -11.12
C LEU B 402 51.07 -36.51 -10.48
N CYS B 403 52.05 -37.23 -11.04
CA CYS B 403 52.52 -38.47 -10.44
C CYS B 403 53.19 -38.21 -9.09
N GLU B 404 52.72 -38.92 -8.06
CA GLU B 404 53.22 -38.69 -6.71
C GLU B 404 54.70 -39.00 -6.56
N THR B 405 55.29 -39.74 -7.50
CA THR B 405 56.71 -40.03 -7.45
C THR B 405 57.58 -38.84 -7.83
N VAL B 406 57.03 -37.82 -8.51
CA VAL B 406 57.82 -36.65 -8.88
C VAL B 406 58.26 -35.88 -7.65
N GLY B 407 57.46 -35.92 -6.60
CA GLY B 407 57.81 -35.31 -5.34
C GLY B 407 57.28 -33.92 -5.09
N VAL B 408 56.10 -33.57 -5.62
CA VAL B 408 55.53 -32.25 -5.37
C VAL B 408 54.58 -32.36 -4.17
N LYS B 409 54.85 -31.59 -3.13
CA LYS B 409 54.12 -31.70 -1.88
C LYS B 409 52.74 -31.04 -1.97
N LEU B 410 51.70 -31.78 -1.57
CA LEU B 410 50.35 -31.26 -1.44
C LEU B 410 49.99 -31.07 0.03
N ASP B 411 48.90 -30.37 0.27
CA ASP B 411 48.43 -30.17 1.63
C ASP B 411 47.26 -31.13 1.89
N LYS B 412 46.62 -30.98 3.06
CA LYS B 412 45.56 -31.91 3.42
C LYS B 412 44.35 -31.82 2.49
N ASN B 413 44.15 -30.68 1.81
CA ASN B 413 43.04 -30.49 0.88
C ASN B 413 43.35 -30.95 -0.55
N GLY B 414 44.61 -31.26 -0.86
CA GLY B 414 44.99 -31.60 -2.21
C GLY B 414 45.54 -30.44 -3.02
N ARG B 415 45.95 -29.35 -2.39
CA ARG B 415 46.48 -28.18 -3.07
C ARG B 415 48.00 -28.11 -2.89
N VAL B 416 48.64 -27.38 -3.81
CA VAL B 416 50.09 -27.38 -3.90
C VAL B 416 50.67 -26.36 -2.92
N VAL B 417 51.62 -26.83 -2.10
CA VAL B 417 52.34 -26.01 -1.14
C VAL B 417 53.49 -25.31 -1.86
N CYS B 418 53.48 -23.98 -1.82
CA CYS B 418 54.40 -23.19 -2.63
C CYS B 418 55.07 -22.15 -1.74
N THR B 419 56.29 -21.77 -2.14
CA THR B 419 56.92 -20.62 -1.51
C THR B 419 56.25 -19.34 -2.02
N ASP B 420 56.75 -18.19 -1.55
CA ASP B 420 56.10 -16.94 -1.90
C ASP B 420 56.43 -16.48 -3.32
N ASP B 421 57.22 -17.25 -4.06
CA ASP B 421 57.42 -17.02 -5.48
C ASP B 421 56.83 -18.13 -6.33
N GLU B 422 55.87 -18.88 -5.78
CA GLU B 422 55.11 -19.93 -6.46
C GLU B 422 55.90 -21.22 -6.73
N GLN B 423 57.11 -21.37 -6.19
CA GLN B 423 57.89 -22.60 -6.42
C GLN B 423 57.35 -23.77 -5.60
N THR B 424 57.28 -24.95 -6.21
CA THR B 424 56.89 -26.15 -5.48
C THR B 424 58.11 -26.70 -4.73
N THR B 425 57.97 -27.92 -4.17
CA THR B 425 59.09 -28.63 -3.57
C THR B 425 60.08 -29.19 -4.59
N VAL B 426 59.72 -29.23 -5.87
CA VAL B 426 60.63 -29.59 -6.95
C VAL B 426 61.04 -28.30 -7.64
N SER B 427 62.35 -28.11 -7.80
CA SER B 427 62.91 -26.78 -8.00
C SER B 427 62.48 -26.10 -9.31
N ASN B 428 62.10 -26.86 -10.33
CA ASN B 428 61.75 -26.26 -11.61
C ASN B 428 60.25 -26.28 -11.88
N VAL B 429 59.45 -26.74 -10.92
CA VAL B 429 58.00 -26.84 -11.06
C VAL B 429 57.35 -25.78 -10.18
N TYR B 430 56.35 -25.08 -10.74
CA TYR B 430 55.64 -24.00 -10.05
C TYR B 430 54.14 -24.23 -10.17
N ALA B 431 53.38 -23.56 -9.31
CA ALA B 431 51.93 -23.67 -9.30
C ALA B 431 51.31 -22.29 -9.15
N ILE B 432 50.20 -22.04 -9.88
CA ILE B 432 49.53 -20.74 -9.85
C ILE B 432 48.03 -20.93 -9.88
N GLY B 433 47.30 -19.93 -9.41
CA GLY B 433 45.84 -20.00 -9.51
C GLY B 433 45.21 -20.80 -8.37
N ASP B 434 44.04 -21.39 -8.66
CA ASP B 434 43.23 -21.98 -7.59
C ASP B 434 43.95 -23.13 -6.88
N ILE B 435 44.88 -23.83 -7.55
CA ILE B 435 45.57 -24.95 -6.91
C ILE B 435 46.73 -24.49 -6.04
N ASN B 436 47.02 -23.20 -5.97
CA ASN B 436 48.07 -22.73 -5.06
C ASN B 436 47.46 -22.62 -3.66
N ALA B 437 47.94 -23.43 -2.73
CA ALA B 437 47.34 -23.51 -1.40
C ALA B 437 47.37 -22.17 -0.67
N GLY B 438 46.28 -21.85 0.02
CA GLY B 438 46.21 -20.67 0.86
C GLY B 438 45.99 -19.35 0.16
N LYS B 439 45.96 -19.32 -1.19
CA LYS B 439 45.83 -18.06 -1.92
C LYS B 439 44.37 -17.80 -2.27
N PRO B 440 43.99 -16.53 -2.46
CA PRO B 440 42.63 -16.22 -2.90
C PRO B 440 42.35 -16.83 -4.27
N GLN B 441 41.19 -17.46 -4.41
CA GLN B 441 40.85 -18.17 -5.65
C GLN B 441 40.02 -17.23 -6.52
N LEU B 442 40.71 -16.35 -7.25
CA LEU B 442 40.10 -15.30 -8.05
C LEU B 442 40.83 -15.19 -9.37
N THR B 443 40.11 -14.79 -10.44
CA THR B 443 40.76 -14.76 -11.75
C THR B 443 41.82 -13.69 -11.90
N PRO B 444 41.64 -12.44 -11.43
CA PRO B 444 42.74 -11.46 -11.54
C PRO B 444 43.96 -11.84 -10.72
N VAL B 445 43.78 -12.62 -9.66
CA VAL B 445 44.92 -13.11 -8.88
C VAL B 445 45.75 -14.09 -9.72
N ALA B 446 45.07 -15.05 -10.35
CA ALA B 446 45.76 -16.03 -11.19
C ALA B 446 46.51 -15.36 -12.35
N ILE B 447 45.92 -14.32 -12.94
CA ILE B 447 46.54 -13.63 -14.07
C ILE B 447 47.80 -12.89 -13.62
N GLN B 448 47.73 -12.20 -12.47
CA GLN B 448 48.89 -11.47 -11.98
C GLN B 448 50.01 -12.43 -11.56
N ALA B 449 49.66 -13.48 -10.82
CA ALA B 449 50.65 -14.48 -10.44
C ALA B 449 51.34 -15.04 -11.68
N GLY B 450 50.57 -15.42 -12.69
CA GLY B 450 51.17 -16.01 -13.88
C GLY B 450 52.02 -15.03 -14.66
N ARG B 451 51.58 -13.77 -14.79
CA ARG B 451 52.37 -12.80 -15.53
C ARG B 451 53.65 -12.43 -14.79
N TYR B 452 53.57 -12.26 -13.47
CA TYR B 452 54.76 -11.87 -12.70
C TYR B 452 55.79 -13.01 -12.65
N LEU B 453 55.31 -14.26 -12.54
CA LEU B 453 56.24 -15.40 -12.49
C LEU B 453 56.98 -15.54 -13.81
N ALA B 454 56.27 -15.37 -14.93
CA ALA B 454 56.92 -15.43 -16.24
C ALA B 454 58.05 -14.42 -16.37
N ARG B 455 57.91 -13.25 -15.76
CA ARG B 455 58.96 -12.23 -15.85
C ARG B 455 60.16 -12.56 -14.96
N ARG B 456 59.93 -13.16 -13.79
CA ARG B 456 61.05 -13.60 -12.97
C ARG B 456 61.81 -14.75 -13.63
N LEU B 457 61.10 -15.65 -14.33
CA LEU B 457 61.78 -16.78 -14.94
C LEU B 457 62.62 -16.36 -16.13
N PHE B 458 62.10 -15.51 -17.01
CA PHE B 458 62.72 -15.31 -18.31
C PHE B 458 63.20 -13.90 -18.59
N ALA B 459 62.94 -12.94 -17.72
CA ALA B 459 63.35 -11.57 -17.98
C ALA B 459 64.13 -10.97 -16.81
N GLY B 460 64.45 -11.76 -15.79
CA GLY B 460 65.23 -11.25 -14.69
C GLY B 460 64.48 -10.34 -13.73
N ALA B 461 63.14 -10.36 -13.79
CA ALA B 461 62.39 -9.53 -12.87
C ALA B 461 62.54 -10.07 -11.45
N THR B 462 62.28 -9.21 -10.46
CA THR B 462 62.25 -9.62 -9.08
C THR B 462 60.89 -9.44 -8.40
N GLU B 463 59.92 -8.80 -9.05
CA GLU B 463 58.67 -8.44 -8.40
C GLU B 463 57.82 -9.67 -8.09
N LEU B 464 57.32 -9.73 -6.85
CA LEU B 464 56.45 -10.79 -6.39
C LEU B 464 54.99 -10.34 -6.41
N THR B 465 54.10 -11.33 -6.41
CA THR B 465 52.66 -11.07 -6.29
C THR B 465 52.30 -10.82 -4.83
N ASP B 466 51.52 -9.75 -4.59
CA ASP B 466 51.01 -9.40 -3.26
C ASP B 466 49.60 -9.97 -3.15
N TYR B 467 49.42 -10.95 -2.26
CA TYR B 467 48.13 -11.62 -2.10
C TYR B 467 47.27 -11.05 -0.98
N SER B 468 47.66 -9.94 -0.34
CA SER B 468 46.92 -9.43 0.81
C SER B 468 45.87 -8.38 0.41
N ASN B 469 44.80 -8.31 1.20
CA ASN B 469 43.76 -7.30 1.06
C ASN B 469 43.20 -7.23 -0.37
N VAL B 470 42.97 -8.39 -1.00
CA VAL B 470 42.45 -8.42 -2.36
C VAL B 470 40.94 -8.24 -2.31
N ALA B 471 40.43 -7.22 -3.01
CA ALA B 471 39.02 -6.90 -2.96
C ALA B 471 38.20 -7.91 -3.77
N THR B 472 36.94 -8.10 -3.35
CA THR B 472 36.01 -9.07 -3.92
C THR B 472 34.69 -8.37 -4.23
N THR B 473 33.88 -8.97 -5.10
CA THR B 473 32.49 -8.55 -5.24
C THR B 473 31.61 -9.77 -5.47
N VAL B 474 30.53 -9.88 -4.69
CA VAL B 474 29.54 -10.92 -4.84
C VAL B 474 28.38 -10.32 -5.62
N PHE B 475 28.07 -10.90 -6.77
CA PHE B 475 27.10 -10.32 -7.72
C PHE B 475 25.69 -10.89 -7.53
N THR B 476 25.22 -10.81 -6.29
CA THR B 476 23.84 -11.12 -5.95
C THR B 476 22.91 -9.99 -6.45
N PRO B 477 21.58 -10.21 -6.47
CA PRO B 477 20.67 -9.18 -7.01
C PRO B 477 20.94 -7.78 -6.49
N LEU B 478 21.29 -7.65 -5.20
CA LEU B 478 21.95 -6.46 -4.68
C LEU B 478 23.39 -6.85 -4.40
N GLU B 479 24.31 -6.20 -5.08
CA GLU B 479 25.71 -6.58 -5.05
C GLU B 479 26.36 -6.18 -3.73
N TYR B 480 27.46 -6.86 -3.42
CA TYR B 480 28.16 -6.70 -2.16
C TYR B 480 29.67 -6.76 -2.43
N GLY B 481 30.36 -5.65 -2.16
CA GLY B 481 31.78 -5.55 -2.39
C GLY B 481 32.50 -5.37 -1.07
N ALA B 482 33.76 -5.79 -1.03
CA ALA B 482 34.50 -5.74 0.21
C ALA B 482 36.00 -5.75 -0.07
N CYS B 483 36.76 -5.07 0.78
CA CYS B 483 38.22 -5.14 0.75
C CYS B 483 38.76 -5.22 2.17
N GLY B 484 39.52 -6.26 2.49
CA GLY B 484 40.09 -6.37 3.82
C GLY B 484 39.29 -7.25 4.76
N LEU B 485 39.34 -6.94 6.07
CA LEU B 485 38.85 -7.84 7.11
C LEU B 485 37.36 -7.68 7.35
N SER B 486 36.69 -8.82 7.59
CA SER B 486 35.34 -8.75 8.15
C SER B 486 35.41 -8.16 9.55
N GLU B 487 34.28 -7.63 10.01
CA GLU B 487 34.22 -7.05 11.35
C GLU B 487 34.60 -8.08 12.42
N GLU B 488 34.06 -9.30 12.34
CA GLU B 488 34.36 -10.30 13.36
C GLU B 488 35.84 -10.64 13.37
N ASP B 489 36.47 -10.73 12.20
CA ASP B 489 37.90 -11.08 12.15
C ASP B 489 38.75 -9.99 12.78
N ALA B 490 38.37 -8.72 12.60
CA ALA B 490 39.12 -7.62 13.21
C ALA B 490 38.95 -7.63 14.72
N ILE B 491 37.73 -7.82 15.22
CA ILE B 491 37.54 -7.89 16.66
C ILE B 491 38.41 -9.01 17.25
N GLU B 492 38.38 -10.20 16.64
CA GLU B 492 39.13 -11.33 17.18
C GLU B 492 40.64 -11.05 17.18
N LYS B 493 41.16 -10.50 16.09
CA LYS B 493 42.60 -10.26 15.98
C LYS B 493 43.08 -9.18 16.94
N TYR B 494 42.27 -8.15 17.20
CA TYR B 494 42.73 -7.00 17.98
C TYR B 494 41.96 -6.71 19.26
N GLY B 495 40.80 -7.30 19.46
CA GLY B 495 40.04 -7.01 20.66
C GLY B 495 39.00 -5.92 20.43
N ASP B 496 37.80 -6.11 21.01
CA ASP B 496 36.69 -5.21 20.71
C ASP B 496 36.96 -3.77 21.15
N LYS B 497 37.83 -3.56 22.13
CA LYS B 497 38.05 -2.21 22.61
C LYS B 497 38.92 -1.40 21.66
N ASP B 498 39.67 -2.06 20.77
CA ASP B 498 40.53 -1.41 19.80
C ASP B 498 39.89 -1.25 18.42
N ILE B 499 38.63 -1.64 18.26
CA ILE B 499 37.93 -1.55 16.98
C ILE B 499 36.86 -0.47 17.07
N GLU B 500 36.83 0.42 16.07
CA GLU B 500 35.75 1.38 15.87
C GLU B 500 35.13 1.13 14.49
N VAL B 501 33.80 1.11 14.41
CA VAL B 501 33.12 0.84 13.15
C VAL B 501 32.21 2.00 12.80
N TYR B 502 32.50 2.66 11.68
CA TYR B 502 31.62 3.69 11.12
C TYR B 502 30.73 3.08 10.05
N HIS B 503 29.45 3.47 10.03
CA HIS B 503 28.51 2.87 9.09
C HIS B 503 27.37 3.83 8.80
N SER B 504 26.62 3.52 7.75
CA SER B 504 25.50 4.35 7.34
C SER B 504 24.67 3.60 6.31
N ASN B 505 23.34 3.70 6.41
CA ASN B 505 22.52 3.32 5.27
C ASN B 505 22.62 4.39 4.19
N PHE B 506 22.19 4.05 2.98
CA PHE B 506 22.00 5.07 1.94
C PHE B 506 20.94 4.61 0.94
N LYS B 507 20.49 5.55 0.12
CA LYS B 507 19.53 5.29 -0.95
C LYS B 507 20.08 5.89 -2.24
N PRO B 508 20.29 5.09 -3.30
CA PRO B 508 20.74 5.67 -4.57
C PRO B 508 19.71 6.67 -5.08
N LEU B 509 20.20 7.75 -5.71
CA LEU B 509 19.30 8.74 -6.26
C LEU B 509 18.35 8.12 -7.28
N GLU B 510 18.87 7.19 -8.08
CA GLU B 510 18.10 6.46 -9.08
C GLU B 510 16.90 5.72 -8.48
N TRP B 511 16.96 5.33 -7.20
CA TRP B 511 15.84 4.64 -6.55
C TRP B 511 14.73 5.56 -6.06
N THR B 512 14.96 6.87 -6.03
CA THR B 512 13.96 7.78 -5.50
C THR B 512 12.71 7.77 -6.36
N VAL B 513 12.84 8.22 -7.61
CA VAL B 513 11.69 8.34 -8.50
C VAL B 513 11.06 6.98 -8.79
N ALA B 514 11.82 5.89 -8.68
CA ALA B 514 11.29 4.55 -8.94
C ALA B 514 10.74 3.88 -7.69
N HIS B 515 10.60 4.61 -6.58
CA HIS B 515 9.91 4.13 -5.38
C HIS B 515 10.50 2.83 -4.84
N ARG B 516 11.83 2.76 -4.78
CA ARG B 516 12.51 1.61 -4.20
C ARG B 516 12.82 1.90 -2.73
N GLU B 517 13.44 0.93 -2.05
CA GLU B 517 13.48 0.94 -0.58
C GLU B 517 14.42 2.00 -0.05
N ASP B 518 14.10 2.51 1.16
CA ASP B 518 14.82 3.64 1.75
C ASP B 518 16.11 3.23 2.46
N ASN B 519 16.05 2.20 3.30
CA ASN B 519 17.14 1.88 4.20
C ASN B 519 17.57 0.42 4.00
N VAL B 520 17.98 0.08 2.78
CA VAL B 520 18.42 -1.27 2.45
C VAL B 520 19.89 -1.30 2.07
N CYS B 521 20.32 -0.42 1.18
CA CYS B 521 21.75 -0.30 0.90
C CYS B 521 22.47 0.21 2.16
N TYR B 522 23.74 -0.15 2.30
CA TYR B 522 24.40 -0.05 3.59
C TYR B 522 25.91 -0.14 3.41
N MET B 523 26.67 0.63 4.20
CA MET B 523 28.11 0.51 4.08
C MET B 523 28.76 0.72 5.44
N LYS B 524 30.00 0.23 5.58
CA LYS B 524 30.73 0.40 6.84
C LYS B 524 32.23 0.36 6.63
N LEU B 525 32.94 1.08 7.49
CA LEU B 525 34.40 1.03 7.61
C LEU B 525 34.79 0.44 8.96
N VAL B 526 35.54 -0.65 8.94
CA VAL B 526 36.07 -1.29 10.15
C VAL B 526 37.48 -0.73 10.43
N CYS B 527 37.66 -0.06 11.57
CA CYS B 527 38.89 0.68 11.83
C CYS B 527 39.56 0.29 13.15
N ARG B 528 40.90 0.39 13.17
CA ARG B 528 41.70 0.07 14.36
C ARG B 528 42.08 1.37 15.07
N LYS B 529 41.57 1.56 16.29
CA LYS B 529 41.80 2.78 17.05
C LYS B 529 43.29 3.03 17.30
N SER B 530 43.99 2.05 17.85
CA SER B 530 45.38 2.25 18.28
C SER B 530 46.37 2.44 17.13
N ASP B 531 45.93 2.35 15.86
CA ASP B 531 46.83 2.56 14.74
C ASP B 531 46.32 3.69 13.85
N ASN B 532 46.07 4.86 14.43
CA ASN B 532 45.67 6.04 13.66
C ASN B 532 44.34 5.86 12.96
N MET B 533 43.50 4.95 13.48
CA MET B 533 42.19 4.65 12.90
C MET B 533 42.35 4.08 11.48
N ARG B 534 43.37 3.23 11.30
CA ARG B 534 43.59 2.52 10.04
C ARG B 534 42.30 1.82 9.59
N VAL B 535 42.03 1.87 8.29
CA VAL B 535 40.89 1.16 7.71
C VAL B 535 41.26 -0.31 7.58
N LEU B 536 40.69 -1.17 8.43
CA LEU B 536 40.98 -2.61 8.33
C LEU B 536 40.13 -3.33 7.29
N GLY B 537 38.89 -2.90 7.09
CA GLY B 537 38.06 -3.53 6.09
C GLY B 537 36.96 -2.59 5.63
N LEU B 538 36.69 -2.57 4.34
CA LEU B 538 35.61 -1.76 3.77
C LEU B 538 34.53 -2.69 3.26
N HIS B 539 33.26 -2.32 3.46
CA HIS B 539 32.13 -3.17 3.07
C HIS B 539 31.01 -2.31 2.50
N VAL B 540 30.44 -2.72 1.34
CA VAL B 540 29.34 -1.95 0.75
C VAL B 540 28.32 -2.89 0.10
N LEU B 541 27.05 -2.67 0.40
CA LEU B 541 25.94 -3.39 -0.20
C LEU B 541 25.12 -2.41 -1.03
N GLY B 542 25.07 -2.61 -2.34
CA GLY B 542 24.37 -1.69 -3.21
C GLY B 542 24.64 -1.93 -4.69
N PRO B 543 24.00 -1.14 -5.56
CA PRO B 543 24.22 -1.28 -7.00
C PRO B 543 25.65 -0.91 -7.39
N ASN B 544 26.17 -1.58 -8.43
CA ASN B 544 27.52 -1.30 -8.96
C ASN B 544 28.61 -1.44 -7.89
N ALA B 545 28.43 -2.38 -6.95
CA ALA B 545 29.32 -2.48 -5.79
C ALA B 545 30.76 -2.75 -6.19
N GLY B 546 30.98 -3.50 -7.27
CA GLY B 546 32.36 -3.73 -7.71
C GLY B 546 33.01 -2.45 -8.20
N GLU B 547 32.30 -1.67 -9.02
CA GLU B 547 32.84 -0.39 -9.45
C GLU B 547 33.12 0.51 -8.26
N ILE B 548 32.23 0.51 -7.26
CA ILE B 548 32.44 1.32 -6.06
C ILE B 548 33.72 0.87 -5.34
N THR B 549 33.85 -0.42 -5.10
CA THR B 549 34.89 -0.89 -4.21
C THR B 549 36.28 -0.76 -4.82
N GLN B 550 36.42 -1.00 -6.13
CA GLN B 550 37.75 -1.20 -6.73
C GLN B 550 38.72 -0.10 -6.37
N GLY B 551 38.30 1.16 -6.55
CA GLY B 551 39.22 2.27 -6.31
C GLY B 551 39.72 2.35 -4.90
N TYR B 552 38.89 1.99 -3.90
CA TYR B 552 39.39 2.01 -2.53
C TYR B 552 40.41 0.92 -2.25
N ALA B 553 40.45 -0.15 -3.04
CA ALA B 553 41.50 -1.16 -2.87
C ALA B 553 42.89 -0.52 -2.96
N VAL B 554 43.05 0.46 -3.83
CA VAL B 554 44.35 1.13 -3.94
C VAL B 554 44.66 1.90 -2.66
N ALA B 555 43.69 2.66 -2.17
CA ALA B 555 43.91 3.37 -0.91
C ALA B 555 44.19 2.41 0.24
N ILE B 556 43.47 1.29 0.30
CA ILE B 556 43.69 0.36 1.42
C ILE B 556 45.07 -0.28 1.32
N LYS B 557 45.53 -0.59 0.10
CA LYS B 557 46.88 -1.08 -0.13
C LYS B 557 47.93 -0.10 0.39
N MET B 558 47.65 1.20 0.31
CA MET B 558 48.57 2.23 0.75
C MET B 558 48.45 2.57 2.24
N GLY B 559 47.59 1.87 2.98
CA GLY B 559 47.44 2.14 4.39
C GLY B 559 46.48 3.25 4.77
N ALA B 560 45.38 3.42 4.02
CA ALA B 560 44.47 4.53 4.31
C ALA B 560 43.94 4.46 5.74
N THR B 561 43.69 5.64 6.33
CA THR B 561 43.07 5.82 7.63
C THR B 561 41.74 6.54 7.47
N LYS B 562 40.98 6.63 8.57
CA LYS B 562 39.70 7.34 8.51
C LYS B 562 39.89 8.79 8.08
N ALA B 563 41.00 9.41 8.49
CA ALA B 563 41.23 10.81 8.15
C ALA B 563 41.52 10.98 6.67
N ASP B 564 42.14 9.98 6.04
CA ASP B 564 42.30 10.03 4.59
C ASP B 564 40.95 10.04 3.88
N PHE B 565 40.02 9.18 4.33
CA PHE B 565 38.66 9.19 3.79
C PHE B 565 37.96 10.54 4.07
N ASP B 566 38.17 11.09 5.28
CA ASP B 566 37.49 12.36 5.63
C ASP B 566 37.99 13.54 4.80
N ARG B 567 39.30 13.63 4.58
CA ARG B 567 39.82 14.80 3.89
C ARG B 567 39.60 14.77 2.38
N THR B 568 39.17 13.64 1.83
CA THR B 568 38.85 13.53 0.41
C THR B 568 37.41 13.95 0.18
N ILE B 569 37.18 14.72 -0.90
CA ILE B 569 35.85 15.29 -1.17
C ILE B 569 35.03 14.29 -1.99
N GLY B 570 33.71 14.29 -1.80
CA GLY B 570 32.87 13.40 -2.59
C GLY B 570 32.58 13.92 -3.99
N ILE B 571 32.28 12.97 -4.90
CA ILE B 571 31.67 13.24 -6.21
C ILE B 571 30.15 13.10 -6.07
N HIS B 572 29.41 14.15 -6.41
CA HIS B 572 27.95 14.19 -6.20
C HIS B 572 27.20 14.33 -7.52
N PRO B 573 26.10 13.59 -7.72
CA PRO B 573 25.49 12.58 -6.83
C PRO B 573 25.94 11.17 -7.21
N THR B 574 26.60 10.45 -6.30
CA THR B 574 26.98 9.05 -6.46
C THR B 574 26.62 8.29 -5.18
N CYS B 575 26.57 6.96 -5.29
CA CYS B 575 26.49 6.13 -4.09
C CYS B 575 27.80 6.16 -3.31
N SER B 576 28.93 6.17 -4.03
CA SER B 576 30.24 6.00 -3.41
C SER B 576 30.61 7.15 -2.50
N GLU B 577 30.12 8.37 -2.78
CA GLU B 577 30.52 9.51 -1.98
C GLU B 577 30.16 9.35 -0.51
N THR B 578 29.18 8.48 -0.19
CA THR B 578 28.81 8.25 1.20
C THR B 578 30.01 7.80 2.04
N PHE B 579 31.02 7.18 1.43
CA PHE B 579 32.22 6.79 2.17
C PHE B 579 33.03 8.01 2.65
N THR B 580 32.89 9.18 2.03
CA THR B 580 33.68 10.37 2.36
C THR B 580 33.10 11.20 3.52
N THR B 581 31.90 10.87 4.04
CA THR B 581 31.32 11.63 5.15
C THR B 581 30.83 10.74 6.30
N LEU B 582 31.31 9.50 6.43
CA LEU B 582 30.78 8.66 7.51
C LEU B 582 31.09 9.26 8.88
N HIS B 583 30.15 9.11 9.82
CA HIS B 583 30.37 9.70 11.15
C HIS B 583 29.67 8.94 12.28
N VAL B 584 28.62 8.18 11.99
CA VAL B 584 27.92 7.41 13.03
C VAL B 584 28.72 6.16 13.36
N THR B 585 29.07 5.99 14.64
CA THR B 585 29.76 4.78 15.09
C THR B 585 28.78 3.80 15.71
N LYS B 586 29.18 2.52 15.69
CA LYS B 586 28.38 1.49 16.32
C LYS B 586 28.42 1.61 17.85
N LYS B 587 29.58 1.96 18.40
CA LYS B 587 29.69 2.20 19.84
C LYS B 587 28.71 3.25 20.32
N SER B 588 28.39 4.25 19.49
CA SER B 588 27.52 5.32 19.95
C SER B 588 26.06 4.90 20.04
N GLY B 589 25.67 3.85 19.33
CA GLY B 589 24.28 3.41 19.34
C GLY B 589 23.34 4.23 18.51
N VAL B 590 23.81 5.26 17.80
CA VAL B 590 22.92 6.09 16.99
C VAL B 590 22.48 5.30 15.76
N SER B 591 21.24 5.49 15.32
CA SER B 591 20.75 4.76 14.16
C SER B 591 21.52 5.15 12.92
N PRO B 592 21.83 4.20 12.03
CA PRO B 592 22.46 4.53 10.75
C PRO B 592 21.47 4.90 9.65
N ILE B 593 20.16 4.94 9.90
CA ILE B 593 19.22 5.16 8.80
C ILE B 593 19.34 6.58 8.27
N VAL B 594 18.56 6.91 7.25
CA VAL B 594 18.71 8.19 6.58
C VAL B 594 17.40 8.96 6.53
#